data_4JAN
#
_entry.id   4JAN
#
_cell.length_a   48.943
_cell.length_b   208.651
_cell.length_c   69.422
_cell.angle_alpha   90.00
_cell.angle_beta   107.21
_cell.angle_gamma   90.00
#
_symmetry.space_group_name_H-M   'P 1 21 1'
#
loop_
_entity.id
_entity.type
_entity.pdbx_description
1 polymer 'ENVELOPE GLYCOPROTEIN GP120 of HIV-1 clade C'
2 polymer 'ANTIGEN BINDING FRAGMENT OF HEAVY CHAIN of CH103'
3 polymer 'ANTIGEN BINDING FRAGMENT OF LIGHT CHAIN of CH103'
4 non-polymer 2-acetamido-2-deoxy-beta-D-glucopyranose
5 non-polymer 'SODIUM ION'
6 non-polymer GLYCEROL
7 water water
#
loop_
_entity_poly.entity_id
_entity_poly.type
_entity_poly.pdbx_seq_one_letter_code
_entity_poly.pdbx_strand_id
1 'polypeptide(L)'
;VWKEAKTTLFCASDAKAYEREVHNVWATHACVPTDPNPQEMALGNVTENFNMWKNDMVDQMHEDIISLWDQSLKPCVKLT
GGSTVTQACPKVSFDPIPIHYCAPAGYAILKCNNETFEGTGPCNNVSTVQCTHGIKPVVSTQLLLNGSLAKEEIVIRSEN
LTDNAKTIIVHLKESVEIVCTRPGNGGSGSGGDTRQAHCNISEEKWNKTLQKVSKILQEHFPNKAIKFEPHSGGDLEITT
HSFNCRGEFFYCNTTKLFNGTYNSTANSTGSVSNTTITLPCRIKQIVNMWQGVGRAMYAPPIKGNITCKSIITGLLLTRD
GGNDDNDTETFRPGGGDMRDNWRSELYKYKVVEIK
;
G,I
2 'polypeptide(L)'
;QVQLQESGPGVVKSSETLSLTCTVSGGSMGGTYWSWLRLSPGKGLEWIGYIFHTGETNYSPSLKGRVSISVDTSEDQFSL
RLRSVTAADTAVYFCASLPRGQLVNAYFRNWGRGSLVSVTAASTKGPSVFPLAPSSKSTSGGTAALGCLVKDYFPEPVTV
SWNSGALTSGVHTFPAVLQSSGLYSLSSVVTVPSSSLGTQTYICNVNHKPSNTKVDKKVEPKSCDK
;
H,A
3 'polypeptide(L)'
;YELTQPPSVSVSPGQTATITCSGASTNVCWYQVKPGQSPEVVIFENYKRPSGIPDRFSGSKSGSTATLTIRGTQAIDEAD
YYCQVWDSFSTFVFGSGTQVTVLRQPKANPTVTLFPPSSEELQANKATLVCLISDFYPGAVTVAWKADSSPVKAGVETTT
PSKQSNNKYAASSYLSLTPEQWKSHRSYSCQVTHEGSTVEKTVAPTECS
;
L,B
#
# COMPACT_ATOMS: atom_id res chain seq x y z
N VAL A 139 -10.67 -38.01 -37.25
CA VAL A 139 -11.88 -37.33 -37.70
C VAL A 139 -12.73 -36.94 -36.49
N SER A 140 -13.54 -35.89 -36.65
CA SER A 140 -14.35 -35.39 -35.54
C SER A 140 -15.85 -35.49 -35.83
N THR A 141 -16.38 -36.69 -35.72
CA THR A 141 -17.82 -36.92 -35.90
C THR A 141 -18.38 -37.61 -34.65
N GLN A 142 -19.43 -38.40 -34.84
CA GLN A 142 -20.05 -39.13 -33.73
C GLN A 142 -20.64 -40.45 -34.19
N LEU A 143 -21.36 -40.42 -35.31
CA LEU A 143 -21.98 -41.61 -35.86
C LEU A 143 -21.34 -41.99 -37.19
N LEU A 144 -21.50 -43.25 -37.58
CA LEU A 144 -20.94 -43.74 -38.84
C LEU A 144 -22.04 -44.00 -39.86
N LEU A 145 -21.99 -43.27 -40.98
CA LEU A 145 -23.03 -43.35 -41.99
C LEU A 145 -22.55 -44.15 -43.21
N ASN A 146 -23.34 -45.16 -43.60
CA ASN A 146 -23.04 -45.97 -44.78
C ASN A 146 -21.73 -46.72 -44.64
N GLY A 147 -21.45 -47.21 -43.44
CA GLY A 147 -20.19 -47.88 -43.18
C GLY A 147 -20.31 -49.40 -43.19
N SER A 148 -19.42 -50.07 -42.46
CA SER A 148 -19.39 -51.52 -42.42
C SER A 148 -20.06 -52.04 -41.16
N LEU A 149 -20.62 -53.24 -41.25
CA LEU A 149 -21.33 -53.86 -40.13
C LEU A 149 -20.54 -55.04 -39.56
N ALA A 150 -20.49 -55.12 -38.24
CA ALA A 150 -19.90 -56.28 -37.58
C ALA A 150 -20.84 -57.46 -37.74
N LYS A 151 -20.42 -58.45 -38.53
CA LYS A 151 -21.27 -59.57 -38.91
C LYS A 151 -21.88 -60.28 -37.71
N GLU A 152 -21.03 -60.80 -36.82
CA GLU A 152 -21.50 -61.63 -35.71
C GLU A 152 -22.39 -60.86 -34.72
N GLU A 153 -21.77 -60.08 -33.84
CA GLU A 153 -22.51 -59.36 -32.81
C GLU A 153 -21.93 -57.96 -32.60
N ILE A 154 -21.65 -57.61 -31.35
CA ILE A 154 -21.11 -56.28 -31.03
C ILE A 154 -19.70 -56.39 -30.48
N VAL A 155 -18.74 -55.81 -31.18
CA VAL A 155 -17.34 -55.86 -30.75
C VAL A 155 -16.87 -54.50 -30.25
N ILE A 156 -16.15 -54.51 -29.13
CA ILE A 156 -15.55 -53.30 -28.59
C ILE A 156 -14.06 -53.26 -28.97
N ARG A 157 -13.65 -52.15 -29.59
CA ARG A 157 -12.28 -52.00 -30.03
C ARG A 157 -11.68 -50.68 -29.56
N SER A 158 -10.55 -50.77 -28.86
CA SER A 158 -9.85 -49.60 -28.37
C SER A 158 -8.40 -49.96 -28.06
N GLU A 159 -7.52 -48.96 -28.15
CA GLU A 159 -6.09 -49.20 -27.92
C GLU A 159 -5.81 -49.40 -26.43
N ASN A 160 -6.65 -48.82 -25.58
CA ASN A 160 -6.49 -48.92 -24.14
C ASN A 160 -7.82 -48.64 -23.43
N LEU A 161 -8.52 -49.70 -23.05
CA LEU A 161 -9.82 -49.57 -22.38
C LEU A 161 -9.64 -49.16 -20.94
N THR A 162 -8.48 -49.50 -20.37
CA THR A 162 -8.16 -49.05 -19.02
C THR A 162 -7.92 -47.55 -18.96
N ASP A 163 -7.58 -46.94 -20.09
CA ASP A 163 -7.36 -45.51 -20.16
C ASP A 163 -8.59 -44.82 -20.74
N ASN A 164 -8.76 -43.55 -20.42
CA ASN A 164 -9.94 -42.81 -20.81
C ASN A 164 -9.72 -41.93 -22.04
N ALA A 165 -8.47 -41.52 -22.27
CA ALA A 165 -8.15 -40.58 -23.35
C ALA A 165 -8.37 -41.20 -24.73
N LYS A 166 -8.21 -42.51 -24.83
CA LYS A 166 -8.30 -43.17 -26.14
C LYS A 166 -9.75 -43.35 -26.59
N THR A 167 -9.98 -43.02 -27.86
CA THR A 167 -11.31 -43.09 -28.44
C THR A 167 -11.84 -44.52 -28.46
N ILE A 168 -13.10 -44.69 -28.10
CA ILE A 168 -13.75 -45.99 -28.15
C ILE A 168 -14.60 -46.10 -29.42
N ILE A 169 -14.41 -47.18 -30.16
CA ILE A 169 -15.14 -47.39 -31.40
C ILE A 169 -15.88 -48.72 -31.36
N VAL A 170 -17.19 -48.65 -31.12
CA VAL A 170 -18.03 -49.85 -31.01
C VAL A 170 -18.70 -50.16 -32.33
N HIS A 171 -18.48 -51.37 -32.84
CA HIS A 171 -19.07 -51.81 -34.10
C HIS A 171 -20.35 -52.60 -33.85
N LEU A 172 -21.41 -52.24 -34.57
CA LEU A 172 -22.71 -52.88 -34.41
C LEU A 172 -22.97 -53.89 -35.52
N LYS A 173 -24.06 -54.64 -35.39
CA LYS A 173 -24.49 -55.57 -36.43
C LYS A 173 -25.66 -54.98 -37.19
N GLU A 174 -26.78 -54.79 -36.49
CA GLU A 174 -27.97 -54.24 -37.11
C GLU A 174 -27.88 -52.72 -37.19
N SER A 175 -28.14 -52.17 -38.37
CA SER A 175 -28.05 -50.74 -38.59
C SER A 175 -29.30 -50.03 -38.09
N VAL A 176 -29.20 -48.71 -37.93
CA VAL A 176 -30.35 -47.90 -37.51
C VAL A 176 -30.58 -46.79 -38.53
N GLU A 177 -31.82 -46.67 -38.99
CA GLU A 177 -32.17 -45.68 -40.01
C GLU A 177 -32.13 -44.27 -39.45
N ILE A 178 -31.46 -43.38 -40.17
CA ILE A 178 -31.40 -41.97 -39.81
C ILE A 178 -31.65 -41.09 -41.04
N VAL A 179 -32.83 -40.50 -41.11
CA VAL A 179 -33.20 -39.66 -42.23
C VAL A 179 -33.31 -38.20 -41.81
N CYS A 180 -32.47 -37.36 -42.41
CA CYS A 180 -32.48 -35.93 -42.10
C CYS A 180 -33.02 -35.14 -43.28
N THR A 181 -34.22 -34.59 -43.10
CA THR A 181 -34.89 -33.83 -44.16
C THR A 181 -34.67 -32.34 -43.94
N ARG A 182 -34.75 -31.57 -45.01
CA ARG A 182 -34.54 -30.13 -44.94
C ARG A 182 -35.66 -29.39 -45.67
N PRO A 183 -36.83 -29.26 -45.02
CA PRO A 183 -37.95 -28.52 -45.60
C PRO A 183 -37.70 -27.01 -45.62
N GLY A 184 -38.25 -26.33 -46.62
CA GLY A 184 -38.09 -24.89 -46.74
C GLY A 184 -38.01 -24.44 -48.19
N ASP A 193 -36.96 -19.39 -41.02
CA ASP A 193 -35.60 -19.78 -40.67
C ASP A 193 -34.92 -20.49 -41.85
N THR A 194 -35.56 -21.52 -42.37
CA THR A 194 -35.09 -22.21 -43.58
C THR A 194 -33.86 -23.10 -43.35
N ARG A 195 -32.95 -22.68 -42.49
CA ARG A 195 -31.77 -23.50 -42.19
C ARG A 195 -32.11 -24.58 -41.16
N GLN A 196 -33.17 -24.34 -40.39
CA GLN A 196 -33.62 -25.32 -39.40
C GLN A 196 -34.17 -26.57 -40.08
N ALA A 197 -33.62 -27.72 -39.73
CA ALA A 197 -34.03 -28.98 -40.30
C ALA A 197 -34.43 -29.94 -39.18
N HIS A 198 -34.41 -31.24 -39.48
CA HIS A 198 -34.73 -32.24 -38.46
C HIS A 198 -34.13 -33.58 -38.85
N CYS A 199 -34.27 -34.57 -37.98
CA CYS A 199 -33.76 -35.91 -38.25
C CYS A 199 -34.59 -36.98 -37.56
N ASN A 200 -35.58 -37.50 -38.28
CA ASN A 200 -36.43 -38.56 -37.74
C ASN A 200 -35.65 -39.84 -37.49
N ILE A 201 -35.72 -40.33 -36.25
CA ILE A 201 -35.12 -41.60 -35.88
C ILE A 201 -36.00 -42.31 -34.87
N SER A 202 -36.50 -43.48 -35.24
CA SER A 202 -37.39 -44.24 -34.35
C SER A 202 -36.77 -44.35 -32.97
N GLU A 203 -37.55 -44.01 -31.95
CA GLU A 203 -37.08 -44.02 -30.58
C GLU A 203 -36.68 -45.42 -30.13
N GLU A 204 -37.62 -46.36 -30.27
CA GLU A 204 -37.41 -47.72 -29.78
C GLU A 204 -36.13 -48.35 -30.31
N LYS A 205 -35.88 -48.21 -31.60
CA LYS A 205 -34.67 -48.77 -32.21
C LYS A 205 -33.45 -48.22 -31.49
N TRP A 206 -33.36 -46.89 -31.41
CA TRP A 206 -32.25 -46.24 -30.73
C TRP A 206 -32.25 -46.55 -29.24
N ASN A 207 -33.44 -46.58 -28.64
CA ASN A 207 -33.59 -46.75 -27.20
C ASN A 207 -33.21 -48.16 -26.77
N LYS A 208 -33.04 -49.04 -27.75
CA LYS A 208 -32.64 -50.41 -27.49
C LYS A 208 -31.18 -50.62 -27.87
N THR A 209 -30.73 -49.92 -28.92
CA THR A 209 -29.34 -50.00 -29.35
C THR A 209 -28.44 -49.14 -28.47
N LEU A 210 -28.84 -48.93 -27.22
CA LEU A 210 -27.95 -48.42 -26.19
C LEU A 210 -28.01 -49.28 -24.94
N GLN A 211 -29.14 -49.96 -24.73
CA GLN A 211 -29.29 -50.88 -23.61
C GLN A 211 -28.34 -52.06 -23.78
N LYS A 212 -28.37 -52.68 -24.96
CA LYS A 212 -27.46 -53.79 -25.25
C LYS A 212 -26.03 -53.29 -25.28
N VAL A 213 -25.86 -52.02 -25.64
CA VAL A 213 -24.54 -51.43 -25.76
C VAL A 213 -23.94 -51.30 -24.37
N SER A 214 -24.79 -51.02 -23.38
CA SER A 214 -24.35 -50.94 -22.00
C SER A 214 -23.93 -52.32 -21.51
N LYS A 215 -24.74 -53.32 -21.81
CA LYS A 215 -24.47 -54.69 -21.37
C LYS A 215 -23.08 -55.14 -21.78
N ILE A 216 -22.63 -54.73 -22.97
CA ILE A 216 -21.31 -55.11 -23.45
C ILE A 216 -20.24 -54.29 -22.73
N LEU A 217 -20.58 -53.04 -22.40
CA LEU A 217 -19.66 -52.17 -21.67
C LEU A 217 -19.50 -52.65 -20.23
N GLN A 218 -20.59 -53.15 -19.65
CA GLN A 218 -20.55 -53.68 -18.29
C GLN A 218 -19.65 -54.91 -18.20
N GLU A 219 -19.44 -55.57 -19.33
CA GLU A 219 -18.55 -56.73 -19.38
C GLU A 219 -17.08 -56.30 -19.35
N HIS A 220 -16.84 -55.01 -19.53
CA HIS A 220 -15.50 -54.45 -19.45
C HIS A 220 -15.32 -53.60 -18.20
N PHE A 221 -16.40 -53.41 -17.46
CA PHE A 221 -16.37 -52.66 -16.21
C PHE A 221 -17.26 -53.34 -15.18
N PRO A 222 -16.65 -54.12 -14.27
CA PRO A 222 -17.39 -54.96 -13.31
C PRO A 222 -18.15 -54.16 -12.25
N ASN A 223 -19.42 -54.48 -12.06
CA ASN A 223 -20.25 -53.85 -11.04
C ASN A 223 -20.24 -52.33 -11.15
N LYS A 224 -20.34 -51.83 -12.37
CA LYS A 224 -20.37 -50.39 -12.61
C LYS A 224 -21.48 -50.02 -13.59
N ALA A 225 -22.28 -49.01 -13.24
CA ALA A 225 -23.36 -48.56 -14.08
C ALA A 225 -22.82 -47.89 -15.34
N ILE A 226 -23.66 -47.80 -16.38
CA ILE A 226 -23.26 -47.21 -17.64
C ILE A 226 -24.24 -46.11 -18.06
N LYS A 227 -23.80 -44.86 -17.98
CA LYS A 227 -24.65 -43.73 -18.32
C LYS A 227 -24.16 -43.02 -19.58
N PHE A 228 -25.10 -42.53 -20.39
CA PHE A 228 -24.78 -41.82 -21.61
C PHE A 228 -25.18 -40.35 -21.52
N GLU A 229 -24.24 -39.46 -21.83
CA GLU A 229 -24.50 -38.02 -21.77
C GLU A 229 -23.90 -37.31 -22.98
N PRO A 230 -24.48 -36.14 -23.34
CA PRO A 230 -24.13 -35.43 -24.58
C PRO A 230 -22.67 -34.99 -24.68
N HIS A 231 -22.29 -34.52 -25.86
CA HIS A 231 -20.93 -34.05 -26.13
C HIS A 231 -20.60 -32.85 -25.25
N SER A 232 -19.35 -32.74 -24.83
CA SER A 232 -18.89 -31.60 -24.04
C SER A 232 -17.88 -30.78 -24.82
N GLY A 233 -18.24 -30.40 -26.04
CA GLY A 233 -17.31 -29.73 -26.94
C GLY A 233 -17.47 -28.22 -26.92
N GLY A 234 -16.62 -27.55 -27.70
CA GLY A 234 -16.62 -26.10 -27.75
C GLY A 234 -16.90 -25.53 -29.14
N ASP A 235 -17.03 -26.41 -30.12
CA ASP A 235 -17.37 -25.97 -31.48
C ASP A 235 -18.48 -26.81 -32.07
N LEU A 236 -19.21 -26.25 -33.01
CA LEU A 236 -20.37 -26.90 -33.60
C LEU A 236 -19.99 -28.19 -34.32
N GLU A 237 -18.87 -28.16 -35.03
CA GLU A 237 -18.44 -29.28 -35.86
C GLU A 237 -18.29 -30.58 -35.09
N ILE A 238 -17.78 -30.50 -33.86
CA ILE A 238 -17.48 -31.69 -33.08
C ILE A 238 -18.63 -32.09 -32.15
N THR A 239 -19.32 -31.09 -31.60
CA THR A 239 -20.41 -31.37 -30.67
C THR A 239 -21.60 -32.04 -31.35
N THR A 240 -21.98 -31.54 -32.51
CA THR A 240 -23.16 -32.03 -33.21
C THR A 240 -22.80 -33.06 -34.28
N HIS A 241 -23.79 -33.87 -34.65
CA HIS A 241 -23.63 -34.84 -35.72
C HIS A 241 -23.61 -34.12 -37.07
N SER A 242 -22.41 -33.88 -37.59
CA SER A 242 -22.25 -33.14 -38.83
C SER A 242 -22.02 -34.06 -40.01
N PHE A 243 -22.58 -33.70 -41.16
CA PHE A 243 -22.46 -34.52 -42.37
C PHE A 243 -22.83 -33.72 -43.61
N ASN A 244 -22.23 -34.10 -44.75
CA ASN A 244 -22.50 -33.46 -46.03
C ASN A 244 -23.67 -34.15 -46.73
N CYS A 245 -24.84 -33.51 -46.70
CA CYS A 245 -26.05 -34.08 -47.28
C CYS A 245 -26.51 -33.35 -48.54
N ARG A 246 -26.23 -33.95 -49.70
CA ARG A 246 -26.66 -33.41 -50.98
C ARG A 246 -26.34 -31.91 -51.12
N GLY A 247 -25.06 -31.58 -51.02
CA GLY A 247 -24.60 -30.22 -51.24
C GLY A 247 -24.82 -29.29 -50.06
N GLU A 248 -24.88 -29.85 -48.86
CA GLU A 248 -25.09 -29.05 -47.66
C GLU A 248 -24.53 -29.73 -46.42
N PHE A 249 -23.78 -28.99 -45.61
CA PHE A 249 -23.26 -29.51 -44.34
C PHE A 249 -24.27 -29.27 -43.23
N PHE A 250 -24.59 -30.33 -42.50
CA PHE A 250 -25.55 -30.26 -41.41
C PHE A 250 -24.84 -30.27 -40.05
N TYR A 251 -25.60 -29.93 -39.01
CA TYR A 251 -25.09 -29.94 -37.64
C TYR A 251 -26.25 -30.24 -36.69
N CYS A 252 -26.44 -31.50 -36.36
CA CYS A 252 -27.60 -31.92 -35.60
C CYS A 252 -27.35 -31.97 -34.10
N ASN A 253 -28.15 -31.21 -33.35
CA ASN A 253 -28.09 -31.22 -31.90
C ASN A 253 -28.50 -32.59 -31.36
N THR A 254 -27.55 -33.50 -31.30
CA THR A 254 -27.84 -34.88 -30.91
C THR A 254 -27.86 -35.10 -29.41
N THR A 255 -28.47 -34.17 -28.68
CA THR A 255 -28.54 -34.30 -27.23
C THR A 255 -29.57 -35.35 -26.83
N LYS A 256 -30.69 -35.37 -27.55
CA LYS A 256 -31.80 -36.27 -27.22
C LYS A 256 -31.41 -37.74 -27.36
N LEU A 257 -30.38 -38.01 -28.15
CA LEU A 257 -29.92 -39.39 -28.36
C LEU A 257 -29.25 -39.95 -27.10
N PHE A 258 -28.68 -39.07 -26.29
CA PHE A 258 -27.96 -39.52 -25.11
C PHE A 258 -28.47 -38.78 -23.88
N ASN A 259 -29.64 -39.21 -23.39
CA ASN A 259 -30.29 -38.55 -22.27
C ASN A 259 -30.62 -39.53 -21.15
N GLY A 260 -29.61 -39.85 -20.35
CA GLY A 260 -29.81 -40.68 -19.17
C GLY A 260 -29.31 -42.11 -19.33
N THR A 261 -29.38 -42.86 -18.24
CA THR A 261 -28.96 -44.26 -18.22
C THR A 261 -29.96 -45.15 -18.96
N TYR A 262 -29.47 -46.29 -19.45
CA TYR A 262 -30.32 -47.25 -20.14
C TYR A 262 -30.31 -48.58 -19.41
N ASN A 263 -31.49 -49.00 -18.94
CA ASN A 263 -31.62 -50.24 -18.20
C ASN A 263 -32.61 -51.20 -18.84
N SER A 264 -32.25 -52.48 -18.88
CA SER A 264 -33.11 -53.50 -19.46
C SER A 264 -34.13 -53.99 -18.44
N THR A 275 -43.85 -43.12 -31.59
CA THR A 275 -43.15 -41.84 -31.51
C THR A 275 -41.87 -41.89 -32.34
N THR A 276 -41.18 -40.76 -32.42
CA THR A 276 -39.95 -40.65 -33.19
C THR A 276 -39.09 -39.49 -32.71
N ILE A 277 -37.84 -39.78 -32.34
CA ILE A 277 -36.91 -38.77 -31.89
C ILE A 277 -36.59 -37.79 -33.01
N THR A 278 -36.81 -36.50 -32.74
CA THR A 278 -36.53 -35.46 -33.72
C THR A 278 -35.38 -34.58 -33.26
N LEU A 279 -34.35 -34.46 -34.09
CA LEU A 279 -33.17 -33.69 -33.74
C LEU A 279 -33.02 -32.45 -34.63
N PRO A 280 -32.98 -31.27 -34.00
CA PRO A 280 -32.83 -30.02 -34.76
C PRO A 280 -31.42 -29.89 -35.33
N CYS A 281 -31.31 -29.33 -36.53
CA CYS A 281 -30.02 -29.20 -37.21
C CYS A 281 -29.74 -27.76 -37.64
N ARG A 282 -28.57 -27.57 -38.23
CA ARG A 282 -28.16 -26.27 -38.76
C ARG A 282 -27.56 -26.43 -40.16
N ILE A 283 -27.04 -25.33 -40.70
CA ILE A 283 -26.42 -25.35 -42.02
C ILE A 283 -25.21 -24.43 -42.07
N LYS A 303 -33.50 -23.57 -51.45
CA LYS A 303 -34.87 -23.64 -50.94
C LYS A 303 -35.66 -24.74 -51.67
N GLY A 304 -36.09 -25.75 -50.91
CA GLY A 304 -36.82 -26.87 -51.47
C GLY A 304 -37.07 -27.93 -50.43
N ASN A 305 -36.70 -29.17 -50.75
CA ASN A 305 -36.85 -30.29 -49.82
C ASN A 305 -35.74 -31.33 -50.00
N ILE A 306 -34.72 -31.25 -49.16
CA ILE A 306 -33.58 -32.16 -49.23
C ILE A 306 -33.82 -33.34 -48.29
N THR A 307 -33.23 -34.48 -48.60
CA THR A 307 -33.41 -35.67 -47.78
C THR A 307 -32.24 -36.64 -47.94
N CYS A 308 -31.55 -36.93 -46.85
CA CYS A 308 -30.48 -37.92 -46.84
C CYS A 308 -30.93 -39.18 -46.11
N LYS A 309 -30.66 -40.33 -46.70
CA LYS A 309 -31.10 -41.60 -46.13
C LYS A 309 -29.92 -42.52 -45.84
N SER A 310 -29.25 -42.25 -44.72
CA SER A 310 -28.10 -43.05 -44.30
C SER A 310 -28.50 -44.02 -43.19
N ILE A 311 -27.59 -44.91 -42.83
CA ILE A 311 -27.83 -45.85 -41.75
C ILE A 311 -26.60 -45.97 -40.84
N ILE A 312 -26.85 -45.91 -39.54
CA ILE A 312 -25.78 -45.92 -38.54
C ILE A 312 -25.23 -47.32 -38.32
N THR A 313 -23.95 -47.50 -38.61
CA THR A 313 -23.31 -48.81 -38.49
C THR A 313 -22.46 -48.94 -37.23
N GLY A 314 -22.02 -47.80 -36.70
CA GLY A 314 -21.18 -47.79 -35.52
C GLY A 314 -21.21 -46.47 -34.78
N LEU A 315 -20.56 -46.43 -33.62
CA LEU A 315 -20.56 -45.25 -32.78
C LEU A 315 -19.16 -44.88 -32.30
N LEU A 316 -18.90 -43.58 -32.23
CA LEU A 316 -17.66 -43.07 -31.66
C LEU A 316 -17.93 -42.53 -30.26
N LEU A 317 -17.23 -43.08 -29.27
CA LEU A 317 -17.45 -42.68 -27.87
C LEU A 317 -16.15 -42.25 -27.20
N THR A 318 -16.27 -41.67 -26.02
CA THR A 318 -15.12 -41.25 -25.23
C THR A 318 -15.46 -41.28 -23.75
N ARG A 319 -14.80 -42.15 -23.01
CA ARG A 319 -15.08 -42.33 -21.59
C ARG A 319 -14.42 -41.24 -20.75
N ASP A 320 -15.08 -40.84 -19.67
CA ASP A 320 -14.53 -39.86 -18.75
C ASP A 320 -13.99 -40.56 -17.51
N GLY A 321 -12.67 -40.53 -17.35
CA GLY A 321 -12.03 -41.21 -16.25
C GLY A 321 -12.09 -40.38 -14.97
N GLY A 322 -11.34 -40.82 -13.97
CA GLY A 322 -11.22 -40.07 -12.73
C GLY A 322 -11.57 -40.85 -11.47
N ASN A 323 -12.17 -42.02 -11.63
CA ASN A 323 -12.51 -42.86 -10.49
C ASN A 323 -13.51 -42.20 -9.53
N ASP A 324 -14.53 -41.56 -10.09
CA ASP A 324 -15.65 -41.10 -9.28
C ASP A 324 -16.30 -42.32 -8.62
N ASP A 325 -16.52 -42.23 -7.31
CA ASP A 325 -16.87 -43.41 -6.52
C ASP A 325 -18.34 -43.85 -6.61
N ASN A 326 -19.15 -43.09 -7.33
CA ASN A 326 -20.50 -43.55 -7.63
C ASN A 326 -20.45 -44.69 -8.65
N ASP A 327 -19.29 -44.84 -9.28
CA ASP A 327 -19.06 -45.94 -10.22
C ASP A 327 -20.11 -45.94 -11.33
N THR A 328 -20.55 -44.74 -11.70
CA THR A 328 -21.48 -44.57 -12.81
C THR A 328 -20.71 -44.09 -14.03
N GLU A 329 -20.07 -45.03 -14.72
CA GLU A 329 -19.23 -44.69 -15.87
C GLU A 329 -19.99 -43.88 -16.90
N THR A 330 -19.65 -42.60 -17.01
CA THR A 330 -20.27 -41.71 -17.96
C THR A 330 -19.55 -41.78 -19.30
N PHE A 331 -20.31 -41.97 -20.38
CA PHE A 331 -19.74 -42.01 -21.72
C PHE A 331 -20.29 -40.88 -22.58
N ARG A 332 -19.45 -40.37 -23.47
CA ARG A 332 -19.84 -39.27 -24.34
C ARG A 332 -19.43 -39.55 -25.78
N PRO A 333 -20.28 -39.17 -26.73
CA PRO A 333 -19.97 -39.37 -28.15
C PRO A 333 -18.97 -38.34 -28.65
N GLY A 334 -17.76 -38.78 -28.99
CA GLY A 334 -16.72 -37.87 -29.45
C GLY A 334 -15.50 -38.62 -29.96
N GLY A 335 -14.33 -38.14 -29.56
CA GLY A 335 -13.08 -38.76 -29.98
C GLY A 335 -11.87 -37.98 -29.50
N GLN B 1 6.27 -25.61 -28.59
CA GLN B 1 6.94 -24.36 -28.14
C GLN B 1 6.04 -23.16 -28.44
N VAL B 2 4.94 -23.05 -27.72
CA VAL B 2 3.97 -21.98 -27.94
C VAL B 2 4.03 -20.95 -26.81
N GLN B 3 4.11 -19.67 -27.19
CA GLN B 3 4.15 -18.58 -26.21
C GLN B 3 2.92 -17.69 -26.34
N LEU B 4 2.39 -17.26 -25.20
CA LEU B 4 1.30 -16.30 -25.16
C LEU B 4 1.66 -15.11 -24.28
N GLN B 5 1.32 -13.92 -24.74
CA GLN B 5 1.49 -12.70 -23.93
C GLN B 5 0.41 -11.69 -24.29
N GLU B 6 0.04 -10.88 -23.31
CA GLU B 6 -1.04 -9.90 -23.50
C GLU B 6 -0.48 -8.48 -23.57
N SER B 7 -0.70 -7.82 -24.70
CA SER B 7 -0.39 -6.41 -24.82
C SER B 7 -1.57 -5.62 -24.27
N GLY B 8 -1.74 -4.38 -24.71
CA GLY B 8 -2.86 -3.57 -24.27
C GLY B 8 -2.55 -2.79 -23.01
N PRO B 9 -3.31 -1.72 -22.76
CA PRO B 9 -3.08 -0.84 -21.60
C PRO B 9 -3.23 -1.56 -20.26
N GLY B 10 -2.58 -1.01 -19.24
CA GLY B 10 -2.73 -1.51 -17.88
C GLY B 10 -3.61 -0.60 -17.05
N VAL B 11 -4.18 0.42 -17.69
CA VAL B 11 -5.06 1.37 -17.02
C VAL B 11 -6.22 1.75 -17.93
N VAL B 12 -7.44 1.51 -17.46
CA VAL B 12 -8.64 1.86 -18.20
C VAL B 12 -9.63 2.55 -17.27
N LYS B 13 -9.80 3.85 -17.46
CA LYS B 13 -10.62 4.65 -16.56
C LYS B 13 -12.04 4.11 -16.45
N SER B 14 -12.71 4.44 -15.35
CA SER B 14 -14.05 3.92 -15.06
C SER B 14 -15.06 4.17 -16.17
N SER B 15 -16.00 3.26 -16.32
CA SER B 15 -17.11 3.39 -17.27
C SER B 15 -16.66 3.49 -18.73
N GLU B 16 -15.42 3.08 -19.01
CA GLU B 16 -14.91 3.10 -20.38
C GLU B 16 -14.93 1.67 -20.94
N THR B 17 -13.92 1.33 -21.75
CA THR B 17 -13.87 0.01 -22.36
C THR B 17 -12.46 -0.56 -22.30
N LEU B 18 -12.35 -1.78 -21.80
CA LEU B 18 -11.07 -2.47 -21.72
C LEU B 18 -10.81 -3.25 -23.01
N SER B 19 -9.67 -3.00 -23.63
CA SER B 19 -9.30 -3.68 -24.87
C SER B 19 -7.92 -4.34 -24.72
N LEU B 20 -7.89 -5.66 -24.82
CA LEU B 20 -6.65 -6.41 -24.75
C LEU B 20 -6.47 -7.29 -25.98
N THR B 21 -5.21 -7.61 -26.28
CA THR B 21 -4.89 -8.50 -27.39
C THR B 21 -3.83 -9.49 -26.94
N CYS B 22 -4.06 -10.77 -27.19
CA CYS B 22 -3.07 -11.80 -26.87
C CYS B 22 -2.39 -12.29 -28.15
N THR B 23 -1.09 -12.08 -28.23
CA THR B 23 -0.33 -12.51 -29.39
C THR B 23 0.14 -13.96 -29.21
N VAL B 24 -0.08 -14.77 -30.23
CA VAL B 24 0.40 -16.16 -30.23
C VAL B 24 1.60 -16.28 -31.15
N SER B 25 2.73 -16.68 -30.59
CA SER B 25 3.94 -16.87 -31.38
C SER B 25 4.41 -18.31 -31.30
N GLY B 26 4.77 -18.87 -32.45
CA GLY B 26 5.26 -20.24 -32.53
C GLY B 26 4.12 -21.25 -32.49
N GLY B 27 3.33 -21.26 -33.55
CA GLY B 27 2.22 -22.20 -33.65
C GLY B 27 1.01 -21.60 -34.35
N SER B 28 0.24 -22.44 -35.02
CA SER B 28 -0.94 -21.97 -35.73
C SER B 28 -2.12 -21.81 -34.78
N MET B 29 -3.17 -21.14 -35.25
CA MET B 29 -4.34 -20.89 -34.44
C MET B 29 -5.39 -21.98 -34.64
N GLY B 30 -5.09 -22.93 -35.52
CA GLY B 30 -6.02 -24.00 -35.84
C GLY B 30 -6.07 -25.08 -34.76
N GLY B 31 -7.24 -25.69 -34.61
CA GLY B 31 -7.44 -26.76 -33.65
C GLY B 31 -7.17 -26.35 -32.22
N THR B 32 -7.76 -25.24 -31.80
CA THR B 32 -7.57 -24.76 -30.45
C THR B 32 -8.63 -23.72 -30.06
N TYR B 33 -8.99 -23.71 -28.78
CA TYR B 33 -9.84 -22.66 -28.23
C TYR B 33 -8.95 -21.65 -27.51
N TRP B 34 -8.89 -20.44 -28.04
CA TRP B 34 -8.08 -19.39 -27.44
C TRP B 34 -8.93 -18.63 -26.44
N SER B 35 -8.58 -18.78 -25.16
CA SER B 35 -9.44 -18.32 -24.08
C SER B 35 -8.86 -17.14 -23.30
N TRP B 36 -9.73 -16.44 -22.58
CA TRP B 36 -9.33 -15.39 -21.67
C TRP B 36 -9.82 -15.74 -20.27
N LEU B 37 -9.03 -15.42 -19.26
CA LEU B 37 -9.42 -15.62 -17.88
C LEU B 37 -8.86 -14.50 -17.02
N ARG B 38 -9.54 -14.16 -15.93
CA ARG B 38 -9.04 -13.14 -15.03
C ARG B 38 -9.02 -13.64 -13.59
N LEU B 39 -8.24 -12.96 -12.75
CA LEU B 39 -8.05 -13.38 -11.37
C LEU B 39 -7.87 -12.19 -10.44
N SER B 40 -8.62 -12.17 -9.35
CA SER B 40 -8.52 -11.10 -8.37
C SER B 40 -9.13 -11.53 -7.04
N PRO B 41 -8.77 -10.86 -5.95
CA PRO B 41 -9.42 -11.13 -4.66
C PRO B 41 -10.86 -10.65 -4.67
N GLY B 42 -11.73 -11.36 -3.97
CA GLY B 42 -13.14 -10.99 -3.93
C GLY B 42 -13.93 -11.60 -5.07
N LYS B 43 -13.22 -12.08 -6.09
CA LYS B 43 -13.87 -12.75 -7.22
C LYS B 43 -13.13 -14.01 -7.66
N GLY B 44 -11.87 -14.15 -7.24
CA GLY B 44 -11.08 -15.33 -7.55
C GLY B 44 -10.85 -15.52 -9.03
N LEU B 45 -10.40 -16.71 -9.40
CA LEU B 45 -10.17 -17.06 -10.79
C LEU B 45 -11.49 -17.36 -11.47
N GLU B 46 -11.79 -16.65 -12.57
CA GLU B 46 -13.02 -16.87 -13.30
C GLU B 46 -12.80 -16.82 -14.82
N TRP B 47 -13.40 -17.77 -15.52
CA TRP B 47 -13.27 -17.87 -16.97
C TRP B 47 -14.13 -16.83 -17.67
N ILE B 48 -13.58 -16.20 -18.70
CA ILE B 48 -14.24 -15.12 -19.41
C ILE B 48 -14.89 -15.59 -20.71
N GLY B 49 -14.18 -16.45 -21.44
CA GLY B 49 -14.67 -16.91 -22.73
C GLY B 49 -13.53 -17.33 -23.65
N TYR B 50 -13.86 -18.09 -24.69
CA TYR B 50 -12.87 -18.48 -25.68
C TYR B 50 -13.40 -18.33 -27.09
N ILE B 51 -12.53 -18.55 -28.08
CA ILE B 51 -12.90 -18.36 -29.47
C ILE B 51 -12.19 -19.37 -30.37
N PHE B 52 -12.92 -19.88 -31.35
CA PHE B 52 -12.37 -20.84 -32.31
C PHE B 52 -11.80 -20.06 -33.49
N HIS B 53 -11.00 -20.72 -34.32
CA HIS B 53 -10.34 -20.04 -35.43
C HIS B 53 -11.34 -19.61 -36.51
N THR B 54 -12.57 -20.09 -36.41
CA THR B 54 -13.63 -19.70 -37.34
C THR B 54 -14.39 -18.48 -36.84
N GLY B 55 -14.06 -18.04 -35.62
CA GLY B 55 -14.73 -16.91 -35.02
C GLY B 55 -15.82 -17.34 -34.05
N GLU B 56 -16.12 -18.63 -34.04
CA GLU B 56 -17.14 -19.17 -33.13
C GLU B 56 -16.77 -18.82 -31.69
N THR B 57 -17.62 -18.03 -31.05
CA THR B 57 -17.33 -17.57 -29.70
C THR B 57 -18.35 -18.08 -28.68
N ASN B 58 -17.87 -18.35 -27.47
CA ASN B 58 -18.72 -18.75 -26.36
C ASN B 58 -18.32 -17.99 -25.10
N TYR B 59 -19.11 -16.97 -24.75
CA TYR B 59 -18.78 -16.10 -23.63
C TYR B 59 -19.35 -16.65 -22.32
N SER B 60 -18.80 -16.16 -21.20
CA SER B 60 -19.28 -16.55 -19.89
C SER B 60 -20.64 -15.92 -19.65
N PRO B 61 -21.57 -16.67 -19.03
CA PRO B 61 -22.91 -16.15 -18.76
C PRO B 61 -22.87 -14.87 -17.92
N SER B 62 -22.05 -14.88 -16.87
CA SER B 62 -21.95 -13.75 -15.95
C SER B 62 -21.57 -12.45 -16.67
N LEU B 63 -20.67 -12.55 -17.63
CA LEU B 63 -20.21 -11.37 -18.38
C LEU B 63 -20.82 -11.31 -19.77
N LYS B 64 -21.80 -12.16 -20.03
CA LYS B 64 -22.48 -12.18 -21.31
C LYS B 64 -23.12 -10.83 -21.58
N GLY B 65 -22.78 -10.24 -22.72
CA GLY B 65 -23.39 -8.98 -23.12
C GLY B 65 -22.37 -7.89 -23.40
N ARG B 66 -21.54 -7.59 -22.41
CA ARG B 66 -20.53 -6.54 -22.56
C ARG B 66 -19.16 -7.12 -22.91
N VAL B 67 -19.13 -8.42 -23.21
CA VAL B 67 -17.89 -9.10 -23.57
C VAL B 67 -17.88 -9.43 -25.06
N SER B 68 -16.71 -9.29 -25.68
CA SER B 68 -16.56 -9.63 -27.10
C SER B 68 -15.13 -10.04 -27.43
N ILE B 69 -14.99 -11.25 -27.98
CA ILE B 69 -13.68 -11.77 -28.35
C ILE B 69 -13.61 -12.00 -29.86
N SER B 70 -12.58 -11.44 -30.49
CA SER B 70 -12.38 -11.60 -31.92
C SER B 70 -11.00 -12.18 -32.19
N VAL B 71 -10.73 -12.53 -33.45
CA VAL B 71 -9.46 -13.13 -33.81
C VAL B 71 -9.05 -12.81 -35.25
N ASP B 72 -7.83 -12.32 -35.41
CA ASP B 72 -7.25 -12.07 -36.73
C ASP B 72 -6.28 -13.19 -37.07
N THR B 73 -6.73 -14.13 -37.88
CA THR B 73 -5.94 -15.30 -38.23
C THR B 73 -4.60 -14.90 -38.88
N SER B 74 -4.56 -13.69 -39.43
CA SER B 74 -3.37 -13.20 -40.13
C SER B 74 -2.21 -12.96 -39.17
N GLU B 75 -2.40 -12.04 -38.23
CA GLU B 75 -1.32 -11.64 -37.32
C GLU B 75 -1.15 -12.60 -36.15
N ASP B 76 -1.83 -13.75 -36.19
CA ASP B 76 -1.73 -14.73 -35.13
C ASP B 76 -2.04 -14.11 -33.78
N GLN B 77 -3.07 -13.26 -33.75
CA GLN B 77 -3.51 -12.59 -32.54
C GLN B 77 -5.02 -12.71 -32.39
N PHE B 78 -5.49 -12.80 -31.15
CA PHE B 78 -6.91 -12.72 -30.87
C PHE B 78 -7.15 -11.68 -29.77
N SER B 79 -8.23 -10.92 -29.93
CA SER B 79 -8.47 -9.76 -29.08
C SER B 79 -9.53 -10.04 -28.01
N LEU B 80 -9.82 -9.02 -27.21
CA LEU B 80 -10.82 -9.10 -26.16
C LEU B 80 -11.29 -7.70 -25.80
N ARG B 81 -12.60 -7.49 -25.79
CA ARG B 81 -13.15 -6.20 -25.41
C ARG B 81 -14.17 -6.38 -24.28
N LEU B 82 -14.06 -5.54 -23.25
CA LEU B 82 -14.96 -5.58 -22.11
C LEU B 82 -15.52 -4.19 -21.86
N ARG B 83 -16.77 -3.99 -22.27
CA ARG B 83 -17.39 -2.66 -22.27
C ARG B 83 -17.81 -2.24 -20.88
N SER B 84 -18.22 -0.99 -20.75
CA SER B 84 -18.75 -0.44 -19.49
C SER B 84 -18.11 -1.06 -18.26
N VAL B 85 -16.79 -0.91 -18.14
CA VAL B 85 -16.05 -1.45 -17.00
C VAL B 85 -16.34 -0.67 -15.72
N THR B 86 -15.98 -1.27 -14.60
CA THR B 86 -16.14 -0.64 -13.29
C THR B 86 -14.96 -1.04 -12.40
N ALA B 87 -14.99 -0.61 -11.14
CA ALA B 87 -13.92 -0.95 -10.20
C ALA B 87 -13.85 -2.46 -10.00
N ALA B 88 -14.96 -3.15 -10.23
CA ALA B 88 -15.03 -4.59 -10.02
C ALA B 88 -14.29 -5.37 -11.11
N ASP B 89 -13.93 -4.66 -12.19
CA ASP B 89 -13.23 -5.28 -13.30
C ASP B 89 -11.72 -5.28 -13.09
N THR B 90 -11.25 -4.43 -12.17
CA THR B 90 -9.83 -4.38 -11.85
C THR B 90 -9.33 -5.76 -11.44
N ALA B 91 -8.56 -6.39 -12.30
CA ALA B 91 -8.06 -7.74 -12.05
C ALA B 91 -6.91 -8.10 -12.98
N VAL B 92 -6.25 -9.21 -12.70
CA VAL B 92 -5.19 -9.71 -13.56
C VAL B 92 -5.80 -10.59 -14.65
N TYR B 93 -5.67 -10.15 -15.89
CA TYR B 93 -6.22 -10.88 -17.02
C TYR B 93 -5.18 -11.79 -17.67
N PHE B 94 -5.65 -12.92 -18.19
CA PHE B 94 -4.78 -13.93 -18.78
C PHE B 94 -5.30 -14.34 -20.15
N CYS B 95 -4.42 -14.95 -20.94
CA CYS B 95 -4.83 -15.61 -22.17
C CYS B 95 -4.24 -17.00 -22.18
N ALA B 96 -5.09 -18.02 -22.33
CA ALA B 96 -4.64 -19.40 -22.26
C ALA B 96 -5.22 -20.24 -23.39
N SER B 97 -4.84 -21.51 -23.42
CA SER B 97 -5.24 -22.40 -24.50
C SER B 97 -6.11 -23.55 -24.00
N LEU B 98 -6.81 -24.17 -24.95
CA LEU B 98 -7.63 -25.36 -24.67
C LEU B 98 -7.68 -26.25 -25.89
N PRO B 99 -7.15 -27.49 -25.77
CA PRO B 99 -7.12 -28.41 -26.91
C PRO B 99 -8.52 -28.78 -27.40
N ARG B 100 -8.78 -28.54 -28.68
CA ARG B 100 -10.09 -28.83 -29.27
C ARG B 100 -10.51 -30.26 -28.96
N GLY B 101 -11.66 -30.40 -28.31
CA GLY B 101 -12.20 -31.72 -28.00
C GLY B 101 -13.13 -31.72 -26.81
N GLN B 102 -13.17 -32.85 -26.10
CA GLN B 102 -14.00 -32.98 -24.91
C GLN B 102 -13.49 -32.09 -23.80
N LEU B 103 -14.34 -31.17 -23.34
CA LEU B 103 -13.96 -30.20 -22.32
C LEU B 103 -14.28 -30.71 -20.91
N VAL B 104 -14.84 -31.91 -20.82
CA VAL B 104 -15.21 -32.48 -19.53
C VAL B 104 -13.98 -32.68 -18.64
N ASN B 105 -12.84 -32.97 -19.26
CA ASN B 105 -11.60 -33.15 -18.52
C ASN B 105 -10.56 -32.07 -18.82
N ALA B 106 -10.86 -31.24 -19.81
CA ALA B 106 -9.90 -30.24 -20.28
C ALA B 106 -9.43 -29.30 -19.16
N TYR B 107 -8.21 -28.82 -19.31
CA TYR B 107 -7.63 -27.84 -18.40
C TYR B 107 -6.74 -26.90 -19.20
N PHE B 108 -6.72 -25.63 -18.82
CA PHE B 108 -6.05 -24.61 -19.61
C PHE B 108 -4.54 -24.82 -19.67
N ARG B 109 -4.00 -24.73 -20.89
CA ARG B 109 -2.57 -24.89 -21.11
C ARG B 109 -1.98 -23.59 -21.65
N ASN B 110 -0.66 -23.50 -21.64
CA ASN B 110 0.03 -22.36 -22.23
C ASN B 110 -0.46 -21.03 -21.67
N TRP B 111 -0.42 -20.89 -20.36
CA TRP B 111 -0.91 -19.69 -19.70
C TRP B 111 -0.11 -18.46 -20.13
N GLY B 112 -0.80 -17.32 -20.18
CA GLY B 112 -0.18 -16.07 -20.58
C GLY B 112 0.80 -15.56 -19.55
N ARG B 113 1.22 -14.31 -19.72
CA ARG B 113 2.23 -13.70 -18.85
C ARG B 113 1.62 -13.33 -17.50
N GLY B 114 0.42 -12.76 -17.55
CA GLY B 114 -0.24 -12.26 -16.36
C GLY B 114 -0.40 -10.76 -16.41
N SER B 115 -1.31 -10.30 -17.26
CA SER B 115 -1.55 -8.87 -17.43
C SER B 115 -2.51 -8.33 -16.39
N LEU B 116 -2.11 -7.24 -15.73
CA LEU B 116 -2.90 -6.65 -14.65
C LEU B 116 -3.46 -5.30 -15.09
N VAL B 117 -4.75 -5.27 -15.40
CA VAL B 117 -5.41 -4.02 -15.76
C VAL B 117 -6.13 -3.46 -14.54
N SER B 118 -5.92 -2.18 -14.29
CA SER B 118 -6.52 -1.51 -13.15
C SER B 118 -7.45 -0.40 -13.60
N VAL B 119 -8.72 -0.52 -13.22
CA VAL B 119 -9.70 0.52 -13.52
C VAL B 119 -9.66 1.58 -12.43
N THR B 120 -9.04 2.72 -12.76
CA THR B 120 -8.83 3.78 -11.79
C THR B 120 -10.07 4.64 -11.60
N ALA B 121 -10.08 5.42 -10.51
CA ALA B 121 -11.16 6.36 -10.25
C ALA B 121 -11.18 7.47 -11.29
N ALA B 122 -12.09 8.42 -11.14
CA ALA B 122 -12.35 9.41 -12.19
C ALA B 122 -11.41 10.61 -12.14
N SER B 123 -11.00 11.01 -10.94
CA SER B 123 -10.14 12.19 -10.79
C SER B 123 -9.52 12.20 -9.39
N THR B 124 -8.81 13.27 -9.07
CA THR B 124 -8.17 13.40 -7.78
C THR B 124 -9.12 14.04 -6.77
N LYS B 125 -9.18 13.46 -5.58
CA LYS B 125 -10.01 14.00 -4.50
C LYS B 125 -9.33 13.88 -3.15
N GLY B 126 -9.52 14.88 -2.31
CA GLY B 126 -8.98 14.84 -0.96
C GLY B 126 -9.85 14.04 -0.02
N PRO B 127 -9.25 13.56 1.08
CA PRO B 127 -9.98 12.75 2.06
C PRO B 127 -10.78 13.57 3.04
N SER B 128 -11.90 13.02 3.49
CA SER B 128 -12.63 13.56 4.64
C SER B 128 -12.20 12.75 5.86
N VAL B 129 -11.71 13.43 6.89
CA VAL B 129 -11.19 12.74 8.06
C VAL B 129 -12.18 12.83 9.22
N PHE B 130 -12.56 11.67 9.74
CA PHE B 130 -13.52 11.60 10.82
C PHE B 130 -12.90 10.92 12.04
N PRO B 131 -13.29 11.35 13.25
CA PRO B 131 -12.75 10.78 14.48
C PRO B 131 -13.50 9.53 14.92
N LEU B 132 -12.80 8.59 15.53
CA LEU B 132 -13.41 7.39 16.06
C LEU B 132 -13.24 7.38 17.58
N ALA B 133 -14.18 8.02 18.27
CA ALA B 133 -14.10 8.18 19.71
C ALA B 133 -14.08 6.82 20.42
N PRO B 134 -13.39 6.75 21.56
CA PRO B 134 -13.30 5.55 22.40
C PRO B 134 -14.43 5.47 23.42
N SER B 135 -14.62 4.31 24.01
CA SER B 135 -15.65 4.13 25.04
C SER B 135 -15.24 4.85 26.32
N GLY B 141 -7.48 -5.65 32.34
CA GLY B 141 -7.70 -5.50 30.91
C GLY B 141 -8.17 -4.11 30.53
N GLY B 142 -7.92 -3.14 31.41
CA GLY B 142 -8.41 -1.79 31.22
C GLY B 142 -7.55 -0.94 30.30
N THR B 143 -7.88 -0.98 29.01
CA THR B 143 -7.30 -0.05 28.04
C THR B 143 -8.44 0.58 27.24
N ALA B 144 -8.10 1.18 26.10
CA ALA B 144 -9.12 1.81 25.25
C ALA B 144 -8.54 2.08 23.87
N ALA B 145 -9.40 2.11 22.86
CA ALA B 145 -8.95 2.29 21.48
C ALA B 145 -9.70 3.41 20.78
N LEU B 146 -8.94 4.33 20.18
CA LEU B 146 -9.51 5.41 19.39
C LEU B 146 -8.79 5.47 18.06
N GLY B 147 -9.35 6.20 17.09
CA GLY B 147 -8.76 6.23 15.77
C GLY B 147 -9.32 7.31 14.86
N CYS B 148 -8.81 7.34 13.63
CA CYS B 148 -9.28 8.27 12.61
C CYS B 148 -9.80 7.48 11.41
N LEU B 149 -10.63 8.14 10.61
CA LEU B 149 -11.20 7.51 9.42
C LEU B 149 -10.95 8.39 8.20
N VAL B 150 -9.95 8.01 7.40
CA VAL B 150 -9.64 8.71 6.17
C VAL B 150 -10.57 8.20 5.07
N LYS B 151 -11.54 9.02 4.68
CA LYS B 151 -12.63 8.55 3.83
C LYS B 151 -12.63 9.16 2.43
N ASP B 152 -13.02 8.34 1.45
CA ASP B 152 -13.15 8.75 0.06
C ASP B 152 -12.04 9.69 -0.45
N TYR B 153 -10.89 9.11 -0.81
CA TYR B 153 -9.81 9.90 -1.40
C TYR B 153 -9.13 9.15 -2.54
N PHE B 154 -8.28 9.85 -3.28
CA PHE B 154 -7.58 9.28 -4.42
C PHE B 154 -6.58 10.29 -4.97
N PRO B 155 -5.39 9.81 -5.41
CA PRO B 155 -4.94 8.42 -5.37
C PRO B 155 -4.11 8.13 -4.13
N GLU B 156 -3.49 6.96 -4.08
CA GLU B 156 -2.56 6.63 -3.00
C GLU B 156 -1.35 7.55 -3.06
N PRO B 157 -0.61 7.69 -1.95
CA PRO B 157 -0.86 7.11 -0.64
C PRO B 157 -1.28 8.17 0.37
N VAL B 158 -1.43 7.75 1.63
CA VAL B 158 -1.76 8.66 2.72
C VAL B 158 -0.91 8.33 3.93
N THR B 159 -0.38 9.37 4.58
CA THR B 159 0.40 9.18 5.79
C THR B 159 -0.37 9.72 7.00
N VAL B 160 -0.51 8.87 8.02
CA VAL B 160 -1.18 9.27 9.26
C VAL B 160 -0.18 9.15 10.41
N SER B 161 -0.26 10.10 11.34
CA SER B 161 0.60 10.08 12.53
C SER B 161 -0.19 10.63 13.71
N TRP B 162 0.22 10.27 14.91
CA TRP B 162 -0.51 10.69 16.11
C TRP B 162 0.31 11.61 17.00
N ASN B 163 -0.33 12.67 17.48
CA ASN B 163 0.31 13.63 18.36
C ASN B 163 1.65 14.10 17.81
N SER B 164 1.64 14.55 16.57
CA SER B 164 2.83 15.10 15.94
C SER B 164 4.01 14.14 16.05
N GLY B 165 3.75 12.85 15.85
CA GLY B 165 4.79 11.84 15.87
C GLY B 165 5.23 11.43 17.26
N ALA B 166 4.74 12.15 18.27
CA ALA B 166 5.09 11.85 19.65
C ALA B 166 4.58 10.47 20.05
N LEU B 167 3.37 10.16 19.61
CA LEU B 167 2.71 8.91 19.97
C LEU B 167 2.95 7.84 18.91
N THR B 168 3.61 6.75 19.32
CA THR B 168 4.00 5.69 18.39
C THR B 168 3.58 4.31 18.88
N SER B 169 3.95 3.98 20.12
CA SER B 169 3.65 2.66 20.67
C SER B 169 2.15 2.46 20.80
N GLY B 170 1.65 1.42 20.14
CA GLY B 170 0.23 1.10 20.19
C GLY B 170 -0.49 1.50 18.91
N VAL B 171 0.14 2.37 18.13
CA VAL B 171 -0.46 2.85 16.89
C VAL B 171 -0.39 1.79 15.80
N HIS B 172 -1.42 1.75 14.96
CA HIS B 172 -1.47 0.84 13.84
C HIS B 172 -2.37 1.40 12.75
N THR B 173 -1.77 1.77 11.63
CA THR B 173 -2.52 2.27 10.48
C THR B 173 -2.66 1.15 9.46
N PHE B 174 -3.87 0.98 8.93
CA PHE B 174 -4.17 -0.16 8.08
C PHE B 174 -4.10 0.19 6.60
N PRO B 175 -3.97 -0.85 5.75
CA PRO B 175 -4.03 -0.69 4.29
C PRO B 175 -5.37 -0.11 3.85
N ALA B 176 -5.37 0.64 2.76
CA ALA B 176 -6.58 1.29 2.28
C ALA B 176 -7.53 0.30 1.63
N VAL B 177 -8.83 0.58 1.72
CA VAL B 177 -9.85 -0.19 1.02
C VAL B 177 -10.17 0.48 -0.30
N LEU B 178 -10.27 -0.30 -1.36
CA LEU B 178 -10.63 0.24 -2.67
C LEU B 178 -12.14 0.22 -2.85
N GLN B 179 -12.77 1.37 -2.60
CA GLN B 179 -14.21 1.51 -2.73
C GLN B 179 -14.67 1.09 -4.12
N SER B 180 -15.94 0.70 -4.23
CA SER B 180 -16.52 0.34 -5.51
C SER B 180 -16.44 1.52 -6.49
N SER B 181 -16.48 2.72 -5.94
CA SER B 181 -16.44 3.94 -6.75
C SER B 181 -15.01 4.29 -7.16
N GLY B 182 -14.05 3.43 -6.81
CA GLY B 182 -12.67 3.64 -7.21
C GLY B 182 -11.85 4.42 -6.21
N LEU B 183 -12.51 5.02 -5.23
CA LEU B 183 -11.82 5.81 -4.21
C LEU B 183 -11.23 4.93 -3.12
N TYR B 184 -10.42 5.52 -2.25
CA TYR B 184 -9.72 4.79 -1.21
C TYR B 184 -10.10 5.30 0.17
N SER B 185 -9.97 4.42 1.17
CA SER B 185 -10.23 4.79 2.56
C SER B 185 -9.38 3.91 3.47
N LEU B 186 -8.92 4.47 4.58
CA LEU B 186 -8.16 3.71 5.56
C LEU B 186 -8.43 4.21 6.97
N SER B 187 -7.87 3.53 7.95
CA SER B 187 -8.04 3.93 9.34
C SER B 187 -6.74 3.75 10.13
N SER B 188 -6.50 4.67 11.05
CA SER B 188 -5.37 4.57 11.96
C SER B 188 -5.93 4.48 13.37
N VAL B 189 -5.34 3.62 14.20
CA VAL B 189 -5.87 3.39 15.53
C VAL B 189 -4.79 3.23 16.58
N VAL B 190 -5.03 3.81 17.75
CA VAL B 190 -4.12 3.72 18.87
C VAL B 190 -4.80 3.02 20.04
N THR B 191 -4.07 2.11 20.68
CA THR B 191 -4.54 1.48 21.90
C THR B 191 -3.90 2.18 23.09
N VAL B 192 -4.66 3.06 23.73
CA VAL B 192 -4.13 3.88 24.82
C VAL B 192 -4.69 3.44 26.17
N PRO B 193 -3.86 3.56 27.23
CA PRO B 193 -4.32 3.30 28.60
C PRO B 193 -5.67 3.96 28.88
N SER B 194 -6.58 3.19 29.48
CA SER B 194 -7.96 3.66 29.69
C SER B 194 -8.04 4.88 30.61
N SER B 195 -7.09 5.00 31.54
CA SER B 195 -7.10 6.11 32.47
C SER B 195 -6.57 7.39 31.83
N SER B 196 -5.99 7.25 30.64
CA SER B 196 -5.42 8.39 29.92
C SER B 196 -6.53 9.18 29.21
N LEU B 197 -7.70 8.57 29.08
CA LEU B 197 -8.83 9.23 28.44
C LEU B 197 -9.22 10.48 29.22
N GLY B 198 -9.85 11.43 28.54
CA GLY B 198 -10.36 12.63 29.19
C GLY B 198 -9.29 13.51 29.79
N THR B 199 -8.02 13.22 29.51
CA THR B 199 -6.92 14.03 29.99
C THR B 199 -5.86 14.20 28.90
N GLN B 200 -5.14 13.13 28.59
CA GLN B 200 -4.13 13.17 27.54
C GLN B 200 -4.82 13.41 26.19
N THR B 201 -4.51 14.55 25.59
CA THR B 201 -5.06 14.89 24.28
C THR B 201 -4.51 13.96 23.21
N TYR B 202 -5.39 13.47 22.35
CA TYR B 202 -4.98 12.65 21.22
C TYR B 202 -5.42 13.31 19.92
N ILE B 203 -4.48 13.44 18.99
CA ILE B 203 -4.75 14.06 17.71
C ILE B 203 -4.17 13.19 16.60
N CYS B 204 -4.92 13.03 15.52
CA CYS B 204 -4.42 12.31 14.35
C CYS B 204 -4.06 13.31 13.26
N ASN B 205 -2.83 13.21 12.77
CA ASN B 205 -2.36 14.08 11.71
C ASN B 205 -2.39 13.34 10.38
N VAL B 206 -3.31 13.74 9.52
CA VAL B 206 -3.49 13.09 8.23
C VAL B 206 -2.99 13.99 7.12
N ASN B 207 -2.16 13.43 6.24
CA ASN B 207 -1.66 14.20 5.11
C ASN B 207 -1.78 13.42 3.81
N HIS B 208 -2.41 14.04 2.82
CA HIS B 208 -2.55 13.46 1.49
C HIS B 208 -2.02 14.46 0.47
N LYS B 209 -0.73 14.37 0.20
CA LYS B 209 -0.02 15.37 -0.60
C LYS B 209 -0.63 15.60 -1.99
N PRO B 210 -1.07 14.51 -2.66
CA PRO B 210 -1.60 14.67 -4.03
C PRO B 210 -2.71 15.71 -4.14
N SER B 211 -3.35 16.05 -3.02
CA SER B 211 -4.41 17.05 -3.02
C SER B 211 -4.13 18.16 -2.02
N ASN B 212 -2.89 18.21 -1.54
CA ASN B 212 -2.48 19.21 -0.56
C ASN B 212 -3.43 19.27 0.63
N THR B 213 -3.82 18.08 1.11
CA THR B 213 -4.72 17.98 2.25
C THR B 213 -3.93 17.60 3.51
N LYS B 214 -3.97 18.46 4.51
CA LYS B 214 -3.26 18.20 5.76
C LYS B 214 -4.17 18.46 6.96
N VAL B 215 -5.03 17.50 7.26
CA VAL B 215 -6.00 17.65 8.34
C VAL B 215 -5.45 17.10 9.66
N ASP B 216 -5.67 17.85 10.73
CA ASP B 216 -5.33 17.40 12.07
C ASP B 216 -6.59 17.40 12.94
N LYS B 217 -7.16 16.21 13.13
CA LYS B 217 -8.43 16.09 13.85
C LYS B 217 -8.22 15.58 15.26
N LYS B 218 -8.79 16.29 16.24
CA LYS B 218 -8.70 15.86 17.63
C LYS B 218 -9.78 14.83 17.93
N VAL B 219 -9.35 13.64 18.36
CA VAL B 219 -10.29 12.56 18.66
C VAL B 219 -10.56 12.46 20.16
N GLU B 220 -11.66 13.06 20.60
CA GLU B 220 -12.00 13.10 22.02
C GLU B 220 -13.17 12.17 22.34
N PRO B 221 -13.24 11.69 23.59
CA PRO B 221 -14.22 10.70 24.04
C PRO B 221 -15.68 11.06 23.73
N LYS B 222 -16.56 10.08 23.87
CA LYS B 222 -17.97 10.23 23.53
C LYS B 222 -18.61 11.38 24.28
N SER B 223 -19.76 11.82 23.81
CA SER B 223 -20.51 12.90 24.46
C SER B 223 -21.38 12.33 25.57
N TYR C 1 -21.98 -18.30 -9.06
CA TYR C 1 -21.95 -19.71 -8.69
C TYR C 1 -20.52 -20.23 -8.70
N GLU C 2 -20.11 -20.85 -7.59
CA GLU C 2 -18.76 -21.37 -7.45
C GLU C 2 -18.76 -22.73 -6.77
N LEU C 3 -17.72 -23.51 -7.03
CA LEU C 3 -17.46 -24.69 -6.23
C LEU C 3 -16.93 -24.18 -4.90
N THR C 4 -17.12 -24.94 -3.83
CA THR C 4 -16.78 -24.46 -2.49
C THR C 4 -15.47 -25.04 -1.98
N GLN C 5 -14.52 -24.15 -1.71
CA GLN C 5 -13.28 -24.52 -1.04
C GLN C 5 -13.18 -23.76 0.27
N PRO C 6 -12.34 -24.24 1.19
CA PRO C 6 -12.03 -23.46 2.39
C PRO C 6 -11.03 -22.35 2.05
N PRO C 7 -11.18 -21.18 2.68
CA PRO C 7 -10.30 -20.04 2.38
C PRO C 7 -8.84 -20.29 2.70
N SER C 8 -8.56 -21.02 3.77
CA SER C 8 -7.17 -21.24 4.21
C SER C 8 -6.93 -22.65 4.74
N VAL C 9 -5.69 -23.10 4.63
CA VAL C 9 -5.24 -24.36 5.19
C VAL C 9 -3.82 -24.17 5.70
N SER C 10 -3.56 -24.60 6.93
CA SER C 10 -2.27 -24.32 7.56
C SER C 10 -1.73 -25.53 8.31
N VAL C 11 -0.49 -25.88 7.99
CA VAL C 11 0.19 -27.01 8.60
C VAL C 11 1.64 -26.69 8.88
N SER C 12 2.23 -27.38 9.84
CA SER C 12 3.64 -27.22 10.14
C SER C 12 4.47 -27.76 8.99
N PRO C 13 5.69 -27.23 8.79
CA PRO C 13 6.53 -27.65 7.67
C PRO C 13 6.81 -29.14 7.68
N GLY C 14 6.43 -29.83 6.61
CA GLY C 14 6.70 -31.25 6.48
C GLY C 14 5.59 -32.10 7.04
N GLN C 15 4.35 -31.75 6.72
CA GLN C 15 3.19 -32.47 7.22
C GLN C 15 2.10 -32.54 6.15
N THR C 16 1.08 -33.36 6.40
CA THR C 16 0.00 -33.58 5.44
C THR C 16 -1.01 -32.42 5.42
N ALA C 17 -1.15 -31.79 4.25
CA ALA C 17 -2.10 -30.69 4.08
C ALA C 17 -3.17 -31.08 3.06
N THR C 18 -4.42 -31.12 3.50
CA THR C 18 -5.53 -31.56 2.66
C THR C 18 -6.45 -30.40 2.29
N ILE C 19 -6.84 -30.34 1.02
CA ILE C 19 -7.77 -29.31 0.54
C ILE C 19 -8.97 -29.96 -0.14
N THR C 20 -10.16 -29.59 0.30
CA THR C 20 -11.39 -30.13 -0.28
C THR C 20 -11.90 -29.25 -1.41
N CYS C 21 -12.91 -29.74 -2.12
CA CYS C 21 -13.53 -29.00 -3.21
C CYS C 21 -14.93 -29.54 -3.47
N SER C 22 -15.91 -28.99 -2.76
CA SER C 22 -17.27 -29.54 -2.78
C SER C 22 -18.15 -28.87 -3.83
N GLY C 23 -18.94 -29.69 -4.53
CA GLY C 23 -19.91 -29.19 -5.48
C GLY C 23 -19.59 -29.49 -6.94
N ALA C 24 -18.77 -30.51 -7.17
CA ALA C 24 -18.37 -30.86 -8.53
C ALA C 24 -18.96 -32.21 -8.93
N SER C 25 -19.86 -32.20 -9.90
CA SER C 25 -20.54 -33.41 -10.35
C SER C 25 -19.70 -34.18 -11.37
N THR C 26 -18.82 -33.48 -12.07
CA THR C 26 -17.94 -34.12 -13.04
C THR C 26 -16.49 -34.05 -12.55
N ASN C 27 -15.56 -34.52 -13.38
CA ASN C 27 -14.15 -34.58 -12.99
C ASN C 27 -13.55 -33.21 -12.66
N VAL C 28 -12.52 -33.22 -11.83
CA VAL C 28 -11.93 -31.98 -11.31
C VAL C 28 -10.43 -31.91 -11.55
N CYS C 29 -9.94 -30.71 -11.86
CA CYS C 29 -8.50 -30.47 -11.96
C CYS C 29 -8.12 -29.34 -11.00
N TRP C 30 -6.82 -29.10 -10.85
CA TRP C 30 -6.34 -28.12 -9.87
C TRP C 30 -5.29 -27.19 -10.49
N TYR C 31 -5.19 -25.98 -9.94
CA TYR C 31 -4.20 -25.00 -10.38
C TYR C 31 -3.50 -24.38 -9.18
N GLN C 32 -2.17 -24.36 -9.22
CA GLN C 32 -1.39 -23.65 -8.21
C GLN C 32 -1.10 -22.24 -8.69
N VAL C 33 -1.32 -21.25 -7.83
CA VAL C 33 -1.10 -19.86 -8.20
C VAL C 33 -0.26 -19.12 -7.18
N LYS C 34 0.93 -18.68 -7.61
CA LYS C 34 1.81 -17.90 -6.77
C LYS C 34 1.79 -16.44 -7.20
N PRO C 35 1.95 -15.52 -6.24
CA PRO C 35 1.87 -14.08 -6.52
C PRO C 35 2.72 -13.68 -7.73
N GLY C 36 2.12 -12.94 -8.66
CA GLY C 36 2.83 -12.44 -9.82
C GLY C 36 2.85 -13.42 -10.98
N GLN C 37 3.32 -14.64 -10.72
CA GLN C 37 3.45 -15.65 -11.76
C GLN C 37 2.08 -16.17 -12.20
N SER C 38 2.09 -17.02 -13.23
CA SER C 38 0.86 -17.53 -13.81
C SER C 38 0.45 -18.86 -13.20
N PRO C 39 -0.86 -19.15 -13.19
CA PRO C 39 -1.38 -20.42 -12.67
C PRO C 39 -0.82 -21.61 -13.45
N GLU C 40 -0.64 -22.74 -12.78
CA GLU C 40 -0.13 -23.93 -13.43
C GLU C 40 -0.78 -25.18 -12.85
N VAL C 41 -1.31 -26.02 -13.74
CA VAL C 41 -1.98 -27.25 -13.33
C VAL C 41 -1.03 -28.20 -12.59
N VAL C 42 -1.48 -28.72 -11.46
CA VAL C 42 -0.71 -29.68 -10.69
C VAL C 42 -1.35 -31.07 -10.72
N ILE C 43 -2.67 -31.10 -10.87
CA ILE C 43 -3.41 -32.35 -10.95
C ILE C 43 -4.60 -32.18 -11.89
N PHE C 44 -4.83 -33.18 -12.74
CA PHE C 44 -5.99 -33.15 -13.62
C PHE C 44 -6.73 -34.48 -13.60
N GLU C 45 -7.97 -34.48 -14.08
CA GLU C 45 -8.81 -35.67 -14.08
C GLU C 45 -8.83 -36.32 -12.69
N ASN C 46 -9.03 -35.50 -11.67
CA ASN C 46 -9.19 -35.96 -10.29
C ASN C 46 -7.89 -36.36 -9.60
N TYR C 47 -7.11 -37.25 -10.21
CA TYR C 47 -5.90 -37.76 -9.56
C TYR C 47 -4.69 -37.89 -10.48
N LYS C 48 -4.81 -37.45 -11.73
CA LYS C 48 -3.69 -37.54 -12.66
C LYS C 48 -2.66 -36.47 -12.36
N ARG C 49 -1.39 -36.85 -12.37
CA ARG C 49 -0.30 -35.93 -12.07
C ARG C 49 0.64 -35.77 -13.26
N PRO C 50 0.62 -34.59 -13.90
CA PRO C 50 1.46 -34.35 -15.08
C PRO C 50 2.94 -34.23 -14.74
N SER C 51 3.80 -34.25 -15.75
CA SER C 51 5.23 -34.14 -15.55
C SER C 51 5.59 -32.76 -14.99
N GLY C 52 6.72 -32.69 -14.29
CA GLY C 52 7.14 -31.45 -13.65
C GLY C 52 6.55 -31.31 -12.27
N ILE C 53 5.55 -32.13 -11.97
CA ILE C 53 4.88 -32.10 -10.67
C ILE C 53 5.41 -33.21 -9.77
N PRO C 54 5.94 -32.85 -8.59
CA PRO C 54 6.48 -33.87 -7.68
C PRO C 54 5.45 -34.91 -7.28
N ASP C 55 5.91 -36.08 -6.87
CA ASP C 55 5.01 -37.18 -6.53
C ASP C 55 4.49 -37.09 -5.10
N ARG C 56 4.66 -35.92 -4.47
CA ARG C 56 4.04 -35.66 -3.18
C ARG C 56 2.69 -34.98 -3.40
N PHE C 57 2.46 -34.52 -4.63
CA PHE C 57 1.17 -33.98 -5.03
C PHE C 57 0.30 -35.11 -5.56
N SER C 58 -0.89 -35.27 -4.97
CA SER C 58 -1.81 -36.31 -5.38
C SER C 58 -3.23 -35.79 -5.33
N GLY C 59 -4.18 -36.65 -4.99
CA GLY C 59 -5.57 -36.23 -4.87
C GLY C 59 -6.52 -37.31 -5.33
N SER C 60 -7.80 -37.14 -4.99
CA SER C 60 -8.83 -38.09 -5.38
C SER C 60 -10.18 -37.38 -5.39
N LYS C 61 -11.26 -38.15 -5.56
CA LYS C 61 -12.59 -37.56 -5.56
C LYS C 61 -13.65 -38.61 -5.22
N SER C 62 -14.68 -38.18 -4.49
CA SER C 62 -15.77 -39.07 -4.12
C SER C 62 -17.12 -38.44 -4.46
N GLY C 63 -17.59 -38.68 -5.67
CA GLY C 63 -18.90 -38.22 -6.10
C GLY C 63 -19.03 -36.71 -6.13
N SER C 64 -19.16 -36.10 -4.96
CA SER C 64 -19.39 -34.66 -4.86
C SER C 64 -18.08 -33.90 -4.65
N THR C 65 -17.33 -34.31 -3.63
CA THR C 65 -16.15 -33.57 -3.21
C THR C 65 -14.86 -34.12 -3.81
N ALA C 66 -14.11 -33.24 -4.47
CA ALA C 66 -12.78 -33.57 -4.94
C ALA C 66 -11.77 -33.13 -3.89
N THR C 67 -10.60 -33.77 -3.88
CA THR C 67 -9.61 -33.50 -2.85
C THR C 67 -8.20 -33.36 -3.42
N LEU C 68 -7.42 -32.47 -2.82
CA LEU C 68 -6.02 -32.29 -3.17
C LEU C 68 -5.17 -32.48 -1.93
N THR C 69 -4.41 -33.56 -1.89
CA THR C 69 -3.60 -33.90 -0.72
C THR C 69 -2.14 -33.53 -0.94
N ILE C 70 -1.48 -33.06 0.13
CA ILE C 70 -0.09 -32.64 0.04
C ILE C 70 0.71 -33.11 1.25
N ARG C 71 1.55 -34.11 1.06
CA ARG C 71 2.40 -34.61 2.13
C ARG C 71 3.80 -34.01 2.02
N GLY C 72 4.49 -33.91 3.15
CA GLY C 72 5.81 -33.33 3.19
C GLY C 72 5.80 -31.91 2.67
N THR C 73 4.89 -31.10 3.21
CA THR C 73 4.71 -29.73 2.75
C THR C 73 5.90 -28.86 3.16
N GLN C 74 6.50 -28.18 2.19
CA GLN C 74 7.62 -27.29 2.45
C GLN C 74 7.28 -25.86 2.05
N ALA C 75 8.28 -24.99 2.05
CA ALA C 75 8.08 -23.58 1.76
C ALA C 75 7.67 -23.36 0.30
N ILE C 76 8.13 -24.23 -0.58
CA ILE C 76 7.88 -24.08 -2.02
C ILE C 76 6.46 -24.49 -2.41
N ASP C 77 5.61 -24.76 -1.42
CA ASP C 77 4.24 -25.15 -1.68
C ASP C 77 3.27 -24.02 -1.38
N GLU C 78 3.72 -23.04 -0.60
CA GLU C 78 2.87 -21.93 -0.19
C GLU C 78 2.33 -21.18 -1.40
N ALA C 79 1.03 -21.27 -1.63
CA ALA C 79 0.39 -20.62 -2.76
C ALA C 79 -1.12 -20.81 -2.70
N ASP C 80 -1.84 -20.02 -3.49
CA ASP C 80 -3.29 -20.15 -3.58
C ASP C 80 -3.65 -21.22 -4.60
N TYR C 81 -4.53 -22.13 -4.22
CA TYR C 81 -4.94 -23.24 -5.09
C TYR C 81 -6.40 -23.09 -5.51
N TYR C 82 -6.68 -23.38 -6.77
CA TYR C 82 -8.02 -23.26 -7.31
C TYR C 82 -8.43 -24.50 -8.09
N CYS C 83 -9.55 -25.12 -7.69
CA CYS C 83 -10.07 -26.28 -8.40
C CYS C 83 -11.03 -25.83 -9.49
N GLN C 84 -11.13 -26.63 -10.55
CA GLN C 84 -11.94 -26.29 -11.70
C GLN C 84 -12.82 -27.47 -12.10
N VAL C 85 -13.99 -27.17 -12.66
CA VAL C 85 -14.88 -28.21 -13.17
C VAL C 85 -15.58 -27.71 -14.42
N TRP C 86 -15.92 -28.64 -15.32
CA TRP C 86 -16.66 -28.28 -16.52
C TRP C 86 -18.14 -28.22 -16.20
N ASP C 87 -18.91 -27.53 -17.04
CA ASP C 87 -20.33 -27.39 -16.80
C ASP C 87 -21.11 -27.27 -18.11
N SER C 88 -22.37 -27.69 -18.08
CA SER C 88 -23.20 -27.69 -19.28
C SER C 88 -23.99 -26.40 -19.44
N PHE C 89 -23.78 -25.45 -18.53
CA PHE C 89 -24.47 -24.17 -18.57
C PHE C 89 -23.48 -23.01 -18.62
N SER C 90 -22.54 -23.02 -17.68
CA SER C 90 -21.55 -21.95 -17.58
C SER C 90 -20.21 -22.38 -18.16
N THR C 91 -20.14 -23.63 -18.63
CA THR C 91 -18.96 -24.15 -19.28
C THR C 91 -17.83 -24.44 -18.27
N PHE C 92 -17.35 -23.40 -17.60
CA PHE C 92 -16.26 -23.57 -16.64
C PHE C 92 -16.55 -22.87 -15.31
N VAL C 93 -16.35 -23.60 -14.22
CA VAL C 93 -16.55 -23.06 -12.87
C VAL C 93 -15.34 -23.37 -12.00
N PHE C 94 -14.84 -22.36 -11.30
CA PHE C 94 -13.71 -22.54 -10.39
C PHE C 94 -14.14 -22.43 -8.94
N GLY C 95 -13.32 -22.94 -8.04
CA GLY C 95 -13.59 -22.85 -6.61
C GLY C 95 -13.26 -21.47 -6.08
N SER C 96 -13.53 -21.25 -4.80
CA SER C 96 -13.31 -19.95 -4.18
C SER C 96 -11.85 -19.74 -3.81
N GLY C 97 -11.03 -20.78 -3.95
CA GLY C 97 -9.61 -20.66 -3.72
C GLY C 97 -9.20 -20.91 -2.28
N THR C 98 -8.13 -21.68 -2.10
CA THR C 98 -7.59 -21.98 -0.78
C THR C 98 -6.18 -21.44 -0.67
N GLN C 99 -5.83 -20.89 0.48
CA GLN C 99 -4.48 -20.37 0.71
C GLN C 99 -3.68 -21.28 1.63
N VAL C 100 -2.78 -22.06 1.05
CA VAL C 100 -1.91 -22.93 1.82
C VAL C 100 -0.79 -22.12 2.46
N THR C 101 -0.55 -22.35 3.74
CA THR C 101 0.47 -21.60 4.49
C THR C 101 1.21 -22.51 5.46
N VAL C 102 2.53 -22.47 5.41
CA VAL C 102 3.37 -23.24 6.33
C VAL C 102 3.68 -22.41 7.57
N LEU C 103 3.28 -22.91 8.72
CA LEU C 103 3.47 -22.20 9.98
C LEU C 103 4.97 -22.03 10.28
N ARG C 104 5.42 -20.79 10.22
CA ARG C 104 6.80 -20.46 10.55
C ARG C 104 6.82 -19.55 11.77
N GLN C 105 5.76 -19.65 12.56
CA GLN C 105 5.59 -18.79 13.73
C GLN C 105 4.33 -19.23 14.47
N PRO C 106 4.33 -19.14 15.81
CA PRO C 106 3.16 -19.55 16.60
C PRO C 106 1.90 -18.79 16.20
N LYS C 107 0.74 -19.44 16.37
CA LYS C 107 -0.53 -18.83 16.00
C LYS C 107 -0.89 -17.67 16.92
N ALA C 108 -1.62 -16.70 16.38
CA ALA C 108 -2.03 -15.54 17.17
C ALA C 108 -3.50 -15.22 16.88
N ASN C 109 -4.27 -15.05 17.95
CA ASN C 109 -5.67 -14.67 17.80
C ASN C 109 -5.81 -13.20 17.43
N PRO C 110 -6.66 -12.90 16.44
CA PRO C 110 -6.84 -11.53 15.93
C PRO C 110 -7.51 -10.61 16.94
N THR C 111 -7.00 -9.39 17.04
CA THR C 111 -7.62 -8.37 17.88
C THR C 111 -8.57 -7.53 17.05
N VAL C 112 -9.86 -7.65 17.34
CA VAL C 112 -10.88 -6.93 16.57
C VAL C 112 -11.30 -5.65 17.29
N THR C 113 -11.57 -4.61 16.51
CA THR C 113 -12.01 -3.34 17.06
C THR C 113 -13.10 -2.75 16.15
N LEU C 114 -14.30 -2.60 16.68
CA LEU C 114 -15.42 -2.10 15.89
C LEU C 114 -15.81 -0.68 16.32
N PHE C 115 -15.88 0.21 15.34
CA PHE C 115 -16.28 1.58 15.60
C PHE C 115 -17.63 1.89 14.96
N PRO C 116 -18.51 2.59 15.70
CA PRO C 116 -19.78 3.04 15.13
C PRO C 116 -19.56 4.30 14.31
N PRO C 117 -20.53 4.67 13.46
CA PRO C 117 -20.42 5.93 12.72
C PRO C 117 -20.27 7.09 13.67
N SER C 118 -19.33 7.99 13.38
CA SER C 118 -19.10 9.13 14.23
C SER C 118 -20.16 10.20 13.99
N SER C 119 -20.47 10.96 15.04
CA SER C 119 -21.43 12.05 14.93
C SER C 119 -21.09 12.94 13.74
N GLU C 120 -19.80 13.16 13.54
CA GLU C 120 -19.30 14.00 12.45
C GLU C 120 -19.77 13.52 11.08
N GLU C 121 -19.60 12.22 10.83
CA GLU C 121 -19.95 11.66 9.52
C GLU C 121 -21.46 11.70 9.30
N LEU C 122 -22.22 11.40 10.35
CA LEU C 122 -23.66 11.36 10.24
C LEU C 122 -24.20 12.73 9.83
N GLN C 123 -23.56 13.79 10.32
CA GLN C 123 -23.91 15.15 9.89
C GLN C 123 -23.81 15.23 8.37
N ALA C 124 -22.84 14.52 7.80
CA ALA C 124 -22.61 14.52 6.36
C ALA C 124 -23.60 13.60 5.64
N ASN C 125 -24.53 13.03 6.39
CA ASN C 125 -25.54 12.13 5.83
C ASN C 125 -24.94 10.82 5.32
N LYS C 126 -23.83 10.41 5.93
CA LYS C 126 -23.22 9.13 5.61
C LYS C 126 -22.88 8.37 6.90
N ALA C 127 -22.84 7.05 6.82
CA ALA C 127 -22.59 6.22 7.99
C ALA C 127 -21.68 5.05 7.63
N THR C 128 -20.59 4.90 8.37
CA THR C 128 -19.64 3.83 8.11
C THR C 128 -19.26 3.10 9.40
N LEU C 129 -19.29 1.77 9.34
CA LEU C 129 -18.84 0.95 10.46
C LEU C 129 -17.45 0.42 10.14
N VAL C 130 -16.53 0.54 11.11
CA VAL C 130 -15.15 0.20 10.88
C VAL C 130 -14.70 -0.99 11.73
N CYS C 131 -14.43 -2.11 11.08
CA CYS C 131 -13.94 -3.30 11.76
C CYS C 131 -12.45 -3.45 11.50
N LEU C 132 -11.65 -3.43 12.56
CA LEU C 132 -10.20 -3.44 12.44
C LEU C 132 -9.58 -4.66 13.10
N ILE C 133 -8.96 -5.51 12.29
CA ILE C 133 -8.39 -6.76 12.74
C ILE C 133 -6.88 -6.72 12.62
N SER C 134 -6.18 -6.82 13.75
CA SER C 134 -4.72 -6.71 13.74
C SER C 134 -4.05 -7.77 14.61
N ASP C 135 -2.78 -8.04 14.32
CA ASP C 135 -1.98 -8.98 15.09
C ASP C 135 -2.57 -10.38 15.08
N PHE C 136 -2.64 -11.00 13.91
CA PHE C 136 -3.07 -12.38 13.81
C PHE C 136 -2.21 -13.17 12.82
N TYR C 137 -1.98 -14.44 13.13
CA TYR C 137 -1.23 -15.32 12.25
C TYR C 137 -1.76 -16.74 12.39
N PRO C 138 -1.85 -17.47 11.27
CA PRO C 138 -1.50 -17.07 9.90
C PRO C 138 -2.46 -16.05 9.31
N GLY C 139 -2.06 -15.42 8.22
CA GLY C 139 -2.80 -14.29 7.65
C GLY C 139 -3.97 -14.71 6.77
N ALA C 140 -5.10 -15.00 7.40
CA ALA C 140 -6.31 -15.37 6.68
C ALA C 140 -7.50 -15.37 7.62
N VAL C 141 -8.49 -14.52 7.35
CA VAL C 141 -9.65 -14.40 8.20
C VAL C 141 -10.95 -14.38 7.40
N THR C 142 -12.07 -14.47 8.12
CA THR C 142 -13.39 -14.39 7.51
C THR C 142 -14.22 -13.36 8.26
N VAL C 143 -14.55 -12.27 7.58
CA VAL C 143 -15.36 -11.23 8.20
C VAL C 143 -16.83 -11.43 7.86
N ALA C 144 -17.67 -11.50 8.89
CA ALA C 144 -19.10 -11.68 8.71
C ALA C 144 -19.84 -10.60 9.48
N TRP C 145 -20.68 -9.84 8.78
CA TRP C 145 -21.46 -8.77 9.40
C TRP C 145 -22.88 -9.23 9.71
N LYS C 146 -23.45 -8.68 10.79
CA LYS C 146 -24.83 -8.94 11.14
C LYS C 146 -25.52 -7.63 11.52
N ALA C 147 -26.70 -7.41 10.95
CA ALA C 147 -27.55 -6.31 11.36
C ALA C 147 -28.56 -6.86 12.34
N ASP C 148 -28.76 -6.19 13.46
CA ASP C 148 -29.57 -6.73 14.54
C ASP C 148 -29.09 -8.14 14.85
N SER C 149 -29.70 -9.13 14.21
CA SER C 149 -29.29 -10.53 14.40
C SER C 149 -29.21 -11.32 13.09
N SER C 150 -29.60 -10.69 11.97
CA SER C 150 -29.55 -11.35 10.67
C SER C 150 -28.32 -10.91 9.89
N PRO C 151 -27.80 -11.79 9.03
CA PRO C 151 -26.60 -11.48 8.23
C PRO C 151 -26.83 -10.37 7.22
N VAL C 152 -25.78 -9.62 6.92
CA VAL C 152 -25.85 -8.61 5.86
C VAL C 152 -24.56 -8.65 5.04
N LYS C 153 -24.70 -8.65 3.73
CA LYS C 153 -23.54 -8.79 2.84
C LYS C 153 -23.39 -7.59 1.90
N ALA C 154 -24.46 -6.84 1.71
CA ALA C 154 -24.44 -5.70 0.81
C ALA C 154 -23.90 -4.45 1.50
N GLY C 155 -22.87 -3.84 0.91
CA GLY C 155 -22.29 -2.62 1.43
C GLY C 155 -21.01 -2.87 2.21
N VAL C 156 -20.56 -4.13 2.21
CA VAL C 156 -19.35 -4.50 2.93
C VAL C 156 -18.13 -4.54 2.01
N GLU C 157 -17.05 -3.90 2.46
CA GLU C 157 -15.78 -3.93 1.74
C GLU C 157 -14.72 -4.44 2.70
N THR C 158 -13.92 -5.41 2.27
CA THR C 158 -12.87 -5.96 3.12
C THR C 158 -11.54 -6.11 2.36
N THR C 159 -10.47 -5.63 2.99
CA THR C 159 -9.15 -5.71 2.40
C THR C 159 -8.63 -7.14 2.40
N THR C 160 -7.47 -7.33 1.77
CA THR C 160 -6.75 -8.58 1.88
C THR C 160 -5.68 -8.42 2.96
N PRO C 161 -5.33 -9.49 3.67
CA PRO C 161 -4.37 -9.40 4.76
C PRO C 161 -3.04 -8.78 4.32
N SER C 162 -2.50 -7.88 5.14
CA SER C 162 -1.24 -7.22 4.83
C SER C 162 -0.22 -7.45 5.95
N LYS C 163 0.90 -8.07 5.61
CA LYS C 163 1.92 -8.38 6.60
C LYS C 163 2.47 -7.10 7.22
N GLN C 164 2.54 -7.07 8.55
CA GLN C 164 3.07 -5.92 9.27
C GLN C 164 4.51 -6.16 9.70
N SER C 165 5.12 -5.16 10.32
CA SER C 165 6.52 -5.26 10.74
C SER C 165 6.71 -6.38 11.77
N ASN C 166 5.63 -6.70 12.47
CA ASN C 166 5.66 -7.70 13.53
C ASN C 166 5.60 -9.14 13.00
N ASN C 167 5.77 -9.30 11.69
CA ASN C 167 5.69 -10.61 11.04
C ASN C 167 4.26 -11.16 10.95
N LYS C 168 3.33 -10.56 11.69
CA LYS C 168 1.94 -11.00 11.68
C LYS C 168 1.17 -10.25 10.59
N TYR C 169 -0.15 -10.45 10.54
CA TYR C 169 -0.97 -9.84 9.52
C TYR C 169 -2.07 -8.97 10.11
N ALA C 170 -2.67 -8.14 9.28
CA ALA C 170 -3.74 -7.24 9.70
C ALA C 170 -4.68 -6.94 8.54
N ALA C 171 -5.98 -6.89 8.82
CA ALA C 171 -6.98 -6.60 7.81
C ALA C 171 -8.01 -5.62 8.33
N SER C 172 -8.93 -5.21 7.46
CA SER C 172 -10.00 -4.27 7.84
C SER C 172 -11.24 -4.46 6.98
N SER C 173 -12.41 -4.24 7.57
CA SER C 173 -13.67 -4.37 6.86
C SER C 173 -14.61 -3.20 7.17
N TYR C 174 -15.15 -2.60 6.13
CA TYR C 174 -16.03 -1.44 6.28
C TYR C 174 -17.44 -1.73 5.77
N LEU C 175 -18.42 -1.56 6.64
CA LEU C 175 -19.83 -1.66 6.25
C LEU C 175 -20.39 -0.26 6.07
N SER C 176 -20.61 0.13 4.82
CA SER C 176 -21.14 1.46 4.52
C SER C 176 -22.67 1.44 4.49
N LEU C 177 -23.27 2.32 5.28
CA LEU C 177 -24.72 2.42 5.37
C LEU C 177 -25.16 3.86 5.16
N THR C 178 -26.47 4.04 4.95
CA THR C 178 -27.06 5.38 4.99
C THR C 178 -27.52 5.62 6.42
N PRO C 179 -27.44 6.88 6.87
CA PRO C 179 -27.83 7.15 8.26
C PRO C 179 -29.16 6.49 8.62
N GLU C 180 -30.04 6.36 7.64
CA GLU C 180 -31.36 5.79 7.87
C GLU C 180 -31.24 4.30 8.22
N GLN C 181 -30.50 3.55 7.41
CA GLN C 181 -30.27 2.13 7.68
C GLN C 181 -29.66 1.95 9.06
N TRP C 182 -28.66 2.77 9.36
CA TRP C 182 -27.92 2.67 10.61
C TRP C 182 -28.81 2.83 11.84
N LYS C 183 -29.72 3.80 11.79
CA LYS C 183 -30.54 4.14 12.94
C LYS C 183 -31.79 3.27 13.05
N SER C 184 -32.11 2.55 11.98
CA SER C 184 -33.30 1.70 11.97
C SER C 184 -33.05 0.30 12.55
N HIS C 185 -31.82 0.05 12.98
CA HIS C 185 -31.48 -1.20 13.67
C HIS C 185 -30.96 -0.79 15.03
N ARG C 186 -30.97 -1.74 15.97
CA ARG C 186 -30.56 -1.46 17.34
C ARG C 186 -29.15 -1.94 17.67
N SER C 187 -28.59 -2.77 16.80
CA SER C 187 -27.22 -3.22 16.97
C SER C 187 -26.61 -3.91 15.75
N TYR C 188 -25.50 -3.37 15.27
CA TYR C 188 -24.74 -3.99 14.20
C TYR C 188 -23.56 -4.73 14.81
N SER C 189 -23.10 -5.78 14.13
CA SER C 189 -22.07 -6.65 14.70
C SER C 189 -21.06 -7.10 13.65
N CYS C 190 -19.81 -7.23 14.10
CA CYS C 190 -18.71 -7.65 13.22
C CYS C 190 -18.03 -8.88 13.80
N GLN C 191 -18.18 -10.02 13.12
CA GLN C 191 -17.61 -11.28 13.59
C GLN C 191 -16.47 -11.75 12.68
N VAL C 192 -15.29 -11.91 13.26
CA VAL C 192 -14.12 -12.33 12.52
C VAL C 192 -13.73 -13.75 12.91
N THR C 193 -13.68 -14.65 11.94
CA THR C 193 -13.31 -16.03 12.19
C THR C 193 -11.85 -16.26 11.81
N HIS C 194 -11.09 -16.80 12.75
CA HIS C 194 -9.69 -17.12 12.52
C HIS C 194 -9.36 -18.47 13.14
N GLU C 195 -8.92 -19.41 12.32
CA GLU C 195 -8.61 -20.77 12.76
C GLU C 195 -9.85 -21.41 13.39
N GLY C 196 -9.79 -21.69 14.69
CA GLY C 196 -10.91 -22.33 15.38
C GLY C 196 -11.53 -21.42 16.41
N SER C 197 -11.36 -20.12 16.23
CA SER C 197 -11.90 -19.14 17.17
C SER C 197 -12.47 -17.94 16.42
N THR C 198 -13.48 -17.31 17.02
CA THR C 198 -14.10 -16.13 16.43
C THR C 198 -14.27 -15.04 17.48
N VAL C 199 -13.86 -13.83 17.13
CA VAL C 199 -14.10 -12.68 17.97
C VAL C 199 -15.24 -11.86 17.36
N GLU C 200 -16.15 -11.40 18.20
CA GLU C 200 -17.31 -10.65 17.72
C GLU C 200 -17.52 -9.38 18.53
N LYS C 201 -17.47 -8.24 17.83
CA LYS C 201 -17.70 -6.95 18.46
C LYS C 201 -19.07 -6.42 18.02
N THR C 202 -19.74 -5.72 18.92
CA THR C 202 -21.07 -5.21 18.63
C THR C 202 -21.24 -3.77 19.12
N VAL C 203 -21.71 -2.90 18.24
CA VAL C 203 -21.98 -1.52 18.60
C VAL C 203 -23.47 -1.21 18.38
N ALA C 204 -23.93 -0.10 18.93
CA ALA C 204 -25.33 0.28 18.81
C ALA C 204 -25.48 1.80 18.86
N PRO C 205 -26.41 2.34 18.06
CA PRO C 205 -26.65 3.79 18.00
C PRO C 205 -27.22 4.35 19.30
N THR C 206 -26.96 5.63 19.55
CA THR C 206 -27.45 6.29 20.76
C THR C 206 -28.00 7.67 20.44
N SER D 140 6.21 32.56 43.97
CA SER D 140 5.60 31.62 43.03
C SER D 140 5.40 32.28 41.67
N THR D 141 5.84 31.60 40.61
CA THR D 141 5.85 32.19 39.28
C THR D 141 4.47 32.45 38.70
N GLN D 142 3.72 31.38 38.43
CA GLN D 142 2.45 31.51 37.72
C GLN D 142 1.37 32.21 38.55
N LEU D 143 1.10 31.68 39.74
CA LEU D 143 0.08 32.25 40.62
C LEU D 143 0.71 33.05 41.75
N LEU D 144 0.01 34.10 42.18
CA LEU D 144 0.46 34.91 43.31
C LEU D 144 -0.34 34.49 44.54
N LEU D 145 0.35 34.05 45.58
CA LEU D 145 -0.29 33.22 46.62
C LEU D 145 -0.69 33.94 47.91
N ASN D 146 0.02 34.99 48.29
CA ASN D 146 -0.34 35.74 49.49
C ASN D 146 -0.16 37.23 49.25
N GLY D 147 -0.40 37.65 48.01
CA GLY D 147 -0.10 39.01 47.59
C GLY D 147 -1.20 40.02 47.86
N SER D 148 -1.19 41.09 47.07
CA SER D 148 -2.12 42.19 47.25
C SER D 148 -3.30 42.09 46.30
N LEU D 149 -4.41 42.74 46.66
CA LEU D 149 -5.62 42.70 45.85
C LEU D 149 -6.22 44.08 45.65
N ALA D 150 -6.86 44.26 44.49
CA ALA D 150 -7.60 45.49 44.20
C ALA D 150 -9.04 45.31 44.64
N LYS D 151 -9.43 46.05 45.66
CA LYS D 151 -10.75 45.89 46.27
C LYS D 151 -11.88 46.40 45.38
N GLU D 152 -11.53 47.00 44.25
CA GLU D 152 -12.53 47.60 43.36
C GLU D 152 -12.93 46.65 42.23
N GLU D 153 -11.96 46.25 41.42
CA GLU D 153 -12.24 45.38 40.28
C GLU D 153 -10.94 44.82 39.70
N ILE D 154 -11.07 43.79 38.87
CA ILE D 154 -9.92 43.19 38.19
C ILE D 154 -9.22 44.22 37.31
N VAL D 155 -7.94 44.47 37.59
CA VAL D 155 -7.17 45.45 36.84
C VAL D 155 -6.10 44.77 36.00
N ILE D 156 -6.01 45.19 34.74
CA ILE D 156 -4.96 44.71 33.84
C ILE D 156 -3.78 45.67 33.84
N ARG D 157 -2.69 45.26 34.47
CA ARG D 157 -1.49 46.08 34.54
C ARG D 157 -0.37 45.41 33.75
N SER D 158 -0.02 45.97 32.61
CA SER D 158 1.00 45.40 31.73
C SER D 158 2.12 46.39 31.45
N GLU D 159 3.35 45.91 31.51
CA GLU D 159 4.51 46.74 31.18
C GLU D 159 4.32 47.32 29.79
N ASN D 160 3.88 46.47 28.86
CA ASN D 160 3.49 46.90 27.53
C ASN D 160 2.38 46.00 27.00
N LEU D 161 1.15 46.51 27.01
CA LEU D 161 -0.02 45.72 26.65
C LEU D 161 0.01 45.25 25.20
N THR D 162 0.70 46.01 24.35
CA THR D 162 0.75 45.69 22.93
C THR D 162 1.84 44.67 22.62
N ASP D 163 3.06 44.94 23.09
CA ASP D 163 4.19 44.05 22.85
C ASP D 163 3.98 42.71 23.53
N ASN D 164 3.94 41.65 22.74
CA ASN D 164 3.68 40.30 23.25
C ASN D 164 4.79 39.77 24.14
N ALA D 165 5.96 40.39 24.08
CA ALA D 165 7.12 39.93 24.84
C ALA D 165 7.01 40.27 26.32
N LYS D 166 6.29 41.35 26.63
CA LYS D 166 6.17 41.80 28.01
C LYS D 166 4.96 41.18 28.71
N THR D 167 5.16 40.81 29.97
CA THR D 167 4.15 40.10 30.74
C THR D 167 2.99 41.00 31.13
N ILE D 168 1.79 40.44 31.15
CA ILE D 168 0.60 41.15 31.59
C ILE D 168 0.22 40.69 33.00
N ILE D 169 0.38 41.58 33.96
CA ILE D 169 0.06 41.27 35.35
C ILE D 169 -1.41 41.59 35.62
N VAL D 170 -2.19 40.55 35.91
CA VAL D 170 -3.63 40.72 36.13
C VAL D 170 -3.96 40.70 37.61
N HIS D 171 -4.18 41.87 38.20
CA HIS D 171 -4.58 41.97 39.59
C HIS D 171 -6.08 41.77 39.72
N LEU D 172 -6.48 40.64 40.31
CA LEU D 172 -7.89 40.32 40.44
C LEU D 172 -8.51 41.06 41.63
N LYS D 173 -9.72 40.63 41.99
CA LYS D 173 -10.43 41.18 43.14
C LYS D 173 -10.97 40.04 44.01
N GLU D 174 -11.66 39.10 43.38
CA GLU D 174 -12.22 37.96 44.07
C GLU D 174 -11.14 36.94 44.40
N SER D 175 -10.89 36.75 45.69
CA SER D 175 -9.87 35.81 46.15
C SER D 175 -10.29 34.37 45.90
N VAL D 176 -9.34 33.56 45.42
CA VAL D 176 -9.57 32.15 45.17
C VAL D 176 -8.60 31.29 45.96
N GLU D 177 -9.12 30.49 46.88
CA GLU D 177 -8.29 29.65 47.74
C GLU D 177 -7.65 28.51 46.96
N ILE D 178 -6.54 28.01 47.47
CA ILE D 178 -5.90 26.82 46.91
C ILE D 178 -5.25 26.02 48.04
N VAL D 179 -5.71 24.79 48.21
CA VAL D 179 -5.22 23.95 49.29
C VAL D 179 -4.49 22.73 48.74
N CYS D 180 -3.33 22.44 49.31
CA CYS D 180 -2.50 21.33 48.87
C CYS D 180 -2.19 20.39 50.02
N THR D 181 -2.07 19.10 49.72
CA THR D 181 -1.75 18.11 50.74
C THR D 181 -0.96 16.96 50.13
N ARG D 182 -0.10 16.34 50.94
CA ARG D 182 0.78 15.28 50.48
C ARG D 182 0.65 14.05 51.38
N PRO D 183 -0.06 13.02 50.89
CA PRO D 183 -0.28 11.78 51.65
C PRO D 183 1.01 11.10 52.10
N GLY D 184 1.08 10.72 53.37
CA GLY D 184 2.25 10.05 53.90
C GLY D 184 1.91 9.16 55.08
N GLN D 196 3.13 11.07 45.64
CA GLN D 196 1.79 11.51 45.33
C GLN D 196 1.46 12.81 46.04
N ALA D 197 0.90 13.76 45.28
CA ALA D 197 0.50 15.04 45.85
C ALA D 197 -0.51 15.70 44.92
N HIS D 198 -1.13 16.79 45.38
CA HIS D 198 -2.13 17.47 44.57
C HIS D 198 -2.64 18.75 45.22
N CYS D 199 -2.94 19.75 44.38
CA CYS D 199 -3.56 20.99 44.83
C CYS D 199 -4.98 21.09 44.30
N ASN D 200 -5.92 21.39 45.17
CA ASN D 200 -7.33 21.45 44.79
C ASN D 200 -7.87 22.88 44.71
N ILE D 201 -8.60 23.14 43.63
CA ILE D 201 -9.31 24.41 43.46
C ILE D 201 -10.64 24.14 42.76
N SER D 202 -11.73 24.34 43.48
CA SER D 202 -13.07 24.10 42.95
C SER D 202 -13.21 24.74 41.57
N GLU D 203 -13.95 24.07 40.69
CA GLU D 203 -14.09 24.53 39.30
C GLU D 203 -14.78 25.89 39.20
N GLU D 204 -15.87 26.06 39.94
CA GLU D 204 -16.61 27.32 39.91
C GLU D 204 -15.74 28.46 40.44
N LYS D 205 -14.86 28.14 41.39
CA LYS D 205 -13.93 29.12 41.93
C LYS D 205 -12.99 29.63 40.84
N TRP D 206 -12.67 28.76 39.90
CA TRP D 206 -11.73 29.08 38.84
C TRP D 206 -12.44 29.41 37.54
N ASN D 207 -13.18 28.44 37.01
CA ASN D 207 -13.92 28.62 35.75
C ASN D 207 -14.66 29.95 35.71
N LYS D 208 -15.21 30.36 36.86
CA LYS D 208 -15.98 31.60 36.94
C LYS D 208 -15.07 32.83 36.87
N THR D 209 -13.95 32.77 37.57
CA THR D 209 -13.04 33.92 37.65
C THR D 209 -12.23 34.13 36.38
N LEU D 210 -12.21 33.10 35.51
CA LEU D 210 -11.52 33.22 34.23
C LEU D 210 -12.42 33.86 33.19
N GLN D 211 -13.73 33.69 33.35
CA GLN D 211 -14.69 34.34 32.48
C GLN D 211 -14.55 35.85 32.59
N LYS D 212 -14.33 36.33 33.80
CA LYS D 212 -14.21 37.77 34.06
C LYS D 212 -13.02 38.36 33.31
N VAL D 213 -11.85 37.78 33.51
CA VAL D 213 -10.63 38.28 32.92
C VAL D 213 -10.69 38.19 31.39
N SER D 214 -11.27 37.10 30.91
CA SER D 214 -11.33 36.83 29.47
C SER D 214 -12.05 37.96 28.73
N LYS D 215 -12.96 38.64 29.40
CA LYS D 215 -13.70 39.74 28.77
C LYS D 215 -12.91 41.03 28.83
N ILE D 216 -12.18 41.24 29.92
CA ILE D 216 -11.37 42.44 30.07
C ILE D 216 -10.29 42.47 28.99
N LEU D 217 -9.77 41.30 28.67
CA LEU D 217 -8.74 41.18 27.63
C LEU D 217 -9.35 41.42 26.26
N GLN D 218 -10.60 40.99 26.08
CA GLN D 218 -11.28 41.14 24.79
C GLN D 218 -11.57 42.62 24.50
N GLU D 219 -11.39 43.46 25.52
CA GLU D 219 -11.57 44.90 25.34
C GLU D 219 -10.33 45.51 24.68
N HIS D 220 -9.16 45.06 25.10
CA HIS D 220 -7.90 45.57 24.56
C HIS D 220 -7.58 44.92 23.22
N PHE D 221 -8.19 43.78 22.97
CA PHE D 221 -8.04 43.07 21.70
C PHE D 221 -9.42 42.74 21.16
N PRO D 222 -10.12 43.74 20.60
CA PRO D 222 -11.52 43.62 20.20
C PRO D 222 -11.70 42.89 18.88
N ASN D 223 -12.86 42.27 18.71
CA ASN D 223 -13.12 41.43 17.53
C ASN D 223 -12.15 40.26 17.51
N LYS D 224 -11.79 39.78 18.70
CA LYS D 224 -10.88 38.64 18.84
C LYS D 224 -11.42 37.70 19.91
N ALA D 225 -11.18 36.40 19.74
CA ALA D 225 -11.53 35.41 20.74
C ALA D 225 -10.42 35.32 21.76
N ILE D 226 -10.74 34.88 22.97
CA ILE D 226 -9.77 34.78 24.05
C ILE D 226 -9.63 33.36 24.57
N LYS D 227 -8.53 32.71 24.23
CA LYS D 227 -8.29 31.32 24.63
C LYS D 227 -7.09 31.24 25.58
N PHE D 228 -7.10 30.22 26.43
CA PHE D 228 -6.02 29.99 27.39
C PHE D 228 -5.45 28.58 27.23
N GLU D 229 -4.13 28.49 27.10
CA GLU D 229 -3.47 27.20 26.99
C GLU D 229 -2.29 27.10 27.96
N PRO D 230 -1.89 25.88 28.31
CA PRO D 230 -0.85 25.64 29.32
C PRO D 230 0.51 26.24 29.00
N HIS D 231 1.38 26.30 29.99
CA HIS D 231 2.71 26.88 29.85
C HIS D 231 3.51 26.16 28.77
N SER D 232 4.04 26.93 27.82
CA SER D 232 4.83 26.35 26.73
C SER D 232 6.31 26.35 27.09
N GLY D 233 6.59 26.20 28.38
CA GLY D 233 7.95 26.28 28.86
C GLY D 233 8.74 25.01 28.59
N GLY D 234 9.83 24.84 29.33
CA GLY D 234 10.70 23.70 29.15
C GLY D 234 11.52 23.45 30.40
N ASP D 235 10.93 23.78 31.56
CA ASP D 235 11.64 23.70 32.83
C ASP D 235 10.60 23.48 33.93
N LEU D 236 10.86 22.52 34.80
CA LEU D 236 9.87 22.10 35.80
C LEU D 236 9.44 23.25 36.71
N GLU D 237 10.33 24.21 36.93
CA GLU D 237 10.04 25.32 37.85
C GLU D 237 9.03 26.31 37.28
N ILE D 238 9.15 26.58 35.98
CA ILE D 238 8.35 27.64 35.36
C ILE D 238 7.14 27.11 34.59
N THR D 239 7.09 25.79 34.37
CA THR D 239 5.95 25.18 33.70
C THR D 239 4.87 24.78 34.70
N THR D 240 5.27 24.65 35.96
CA THR D 240 4.35 24.25 37.01
C THR D 240 4.24 25.34 38.07
N HIS D 241 3.14 25.34 38.82
CA HIS D 241 2.97 26.27 39.92
C HIS D 241 3.89 25.87 41.06
N SER D 242 5.08 26.46 41.08
CA SER D 242 6.08 26.14 42.10
C SER D 242 5.89 27.03 43.32
N PHE D 243 5.98 26.43 44.51
CA PHE D 243 5.81 27.17 45.75
C PHE D 243 6.41 26.42 46.94
N ASN D 244 6.81 27.16 47.96
CA ASN D 244 7.40 26.58 49.16
C ASN D 244 6.39 26.46 50.29
N CYS D 245 5.80 25.28 50.44
CA CYS D 245 4.79 25.05 51.46
C CYS D 245 5.36 24.24 52.63
N ARG D 246 5.49 24.89 53.78
CA ARG D 246 6.07 24.25 54.97
C ARG D 246 7.45 23.70 54.69
N GLY D 247 8.26 24.46 53.96
CA GLY D 247 9.63 24.07 53.65
C GLY D 247 9.71 22.90 52.68
N GLU D 248 8.74 22.82 51.78
CA GLU D 248 8.72 21.76 50.77
C GLU D 248 8.46 22.36 49.39
N PHE D 249 9.21 21.88 48.39
CA PHE D 249 9.05 22.37 47.03
C PHE D 249 8.04 21.54 46.26
N PHE D 250 7.00 22.20 45.75
CA PHE D 250 5.97 21.52 44.98
C PHE D 250 6.00 21.99 43.53
N TYR D 251 5.53 21.14 42.63
CA TYR D 251 5.44 21.46 41.22
C TYR D 251 4.11 20.96 40.67
N CYS D 252 3.13 21.85 40.60
CA CYS D 252 1.78 21.47 40.21
C CYS D 252 1.54 21.60 38.71
N ASN D 253 1.00 20.54 38.12
CA ASN D 253 0.70 20.51 36.69
C ASN D 253 -0.52 21.37 36.39
N THR D 254 -0.30 22.66 36.14
CA THR D 254 -1.40 23.61 35.97
C THR D 254 -2.05 23.52 34.58
N THR D 255 -1.98 22.35 33.95
CA THR D 255 -2.52 22.19 32.61
C THR D 255 -4.05 22.24 32.67
N LYS D 256 -4.61 21.82 33.80
CA LYS D 256 -6.06 21.77 33.96
C LYS D 256 -6.64 23.15 34.30
N LEU D 257 -5.77 24.11 34.60
CA LEU D 257 -6.21 25.47 34.91
C LEU D 257 -6.25 26.35 33.68
N PHE D 258 -5.56 25.95 32.62
CA PHE D 258 -5.54 26.72 31.39
C PHE D 258 -5.79 25.86 30.17
N ASN D 259 -7.04 25.50 29.92
CA ASN D 259 -7.41 24.71 28.75
C ASN D 259 -8.79 25.07 28.22
N GLY D 260 -8.84 25.48 26.96
CA GLY D 260 -10.10 25.80 26.31
C GLY D 260 -10.50 27.25 26.49
N THR D 261 -11.54 27.65 25.75
CA THR D 261 -12.06 29.02 25.82
C THR D 261 -13.07 29.13 26.96
N TYR D 262 -13.31 30.35 27.42
CA TYR D 262 -14.23 30.57 28.53
C TYR D 262 -15.31 31.60 28.19
N ASN D 263 -16.52 31.11 27.87
CA ASN D 263 -17.68 31.96 27.63
C ASN D 263 -18.80 31.62 28.62
N SER D 264 -20.02 32.03 28.29
CA SER D 264 -21.19 31.69 29.10
C SER D 264 -22.39 31.42 28.21
N THR D 275 -17.55 18.70 42.97
CA THR D 275 -16.41 18.29 42.14
C THR D 275 -15.32 19.34 42.21
N THR D 276 -14.07 18.90 42.10
CA THR D 276 -12.93 19.79 42.27
C THR D 276 -11.82 19.47 41.26
N ILE D 277 -11.04 20.48 40.92
CA ILE D 277 -9.88 20.32 40.05
C ILE D 277 -8.73 19.73 40.85
N THR D 278 -8.01 18.78 40.27
CA THR D 278 -6.90 18.13 40.95
C THR D 278 -5.62 18.21 40.13
N LEU D 279 -4.75 19.16 40.49
CA LEU D 279 -3.49 19.34 39.79
C LEU D 279 -2.42 18.39 40.34
N PRO D 280 -1.90 17.50 39.49
CA PRO D 280 -0.82 16.60 39.89
C PRO D 280 0.43 17.35 40.33
N CYS D 281 0.86 17.15 41.58
CA CYS D 281 2.02 17.84 42.12
C CYS D 281 3.17 16.87 42.41
N ARG D 282 4.39 17.37 42.29
CA ARG D 282 5.59 16.58 42.54
C ARG D 282 6.49 17.27 43.56
N ILE D 283 7.21 16.48 44.34
CA ILE D 283 8.11 17.01 45.36
C ILE D 283 9.55 16.59 45.13
N LYS D 284 10.44 17.57 45.09
CA LYS D 284 11.87 17.32 44.90
C LYS D 284 12.64 17.72 46.15
N GLY D 304 3.43 11.96 56.90
CA GLY D 304 2.21 12.54 57.42
C GLY D 304 1.46 13.35 56.38
N ASN D 305 0.95 14.51 56.78
CA ASN D 305 0.22 15.39 55.88
C ASN D 305 0.73 16.82 55.95
N ILE D 306 0.76 17.48 54.79
CA ILE D 306 1.27 18.85 54.70
C ILE D 306 0.20 19.77 54.11
N THR D 307 -0.73 20.20 54.94
CA THR D 307 -1.81 21.09 54.50
C THR D 307 -1.23 22.47 54.17
N CYS D 308 -1.51 22.95 52.96
CA CYS D 308 -0.96 24.21 52.50
C CYS D 308 -2.07 25.20 52.18
N LYS D 309 -2.82 25.60 53.21
CA LYS D 309 -3.92 26.54 53.04
C LYS D 309 -3.41 27.93 52.65
N SER D 310 -3.38 28.18 51.35
CA SER D 310 -2.96 29.48 50.83
C SER D 310 -4.07 30.07 49.95
N ILE D 311 -3.84 31.28 49.45
CA ILE D 311 -4.83 31.96 48.62
C ILE D 311 -4.23 32.36 47.27
N ILE D 312 -5.08 32.88 46.39
CA ILE D 312 -4.62 33.41 45.11
C ILE D 312 -5.16 34.82 44.93
N THR D 313 -4.27 35.76 44.61
CA THR D 313 -4.65 37.16 44.50
C THR D 313 -4.60 37.66 43.06
N GLY D 314 -3.41 37.62 42.46
CA GLY D 314 -3.22 38.10 41.10
C GLY D 314 -2.68 37.02 40.18
N LEU D 315 -2.42 37.40 38.93
CA LEU D 315 -1.94 36.46 37.92
C LEU D 315 -0.86 37.09 37.04
N LEU D 316 -0.11 36.23 36.36
CA LEU D 316 0.88 36.68 35.38
C LEU D 316 0.58 36.00 34.05
N LEU D 317 0.55 36.77 32.97
CA LEU D 317 0.20 36.23 31.66
C LEU D 317 1.06 36.81 30.54
N THR D 318 1.67 35.92 29.75
CA THR D 318 2.39 36.33 28.55
C THR D 318 1.56 35.95 27.32
N ARG D 319 1.32 36.93 26.46
CA ARG D 319 0.46 36.73 25.31
C ARG D 319 1.24 36.26 24.09
N ASP D 320 0.71 35.23 23.41
CA ASP D 320 1.32 34.73 22.18
C ASP D 320 1.06 35.69 21.03
N GLY D 321 2.11 36.38 20.59
CA GLY D 321 1.98 37.36 19.54
C GLY D 321 1.82 36.74 18.17
N GLY D 322 1.91 37.56 17.13
CA GLY D 322 1.85 37.07 15.77
C GLY D 322 0.92 37.87 14.88
N ASN D 323 -0.21 38.31 15.43
CA ASN D 323 -1.22 39.01 14.65
C ASN D 323 -1.66 38.20 13.43
N ASP D 324 -2.09 36.97 13.67
CA ASP D 324 -2.57 36.10 12.60
C ASP D 324 -4.08 36.29 12.38
N ASP D 325 -4.57 35.81 11.25
CA ASP D 325 -5.96 36.05 10.85
C ASP D 325 -6.96 35.25 11.68
N ASN D 326 -6.47 34.33 12.51
CA ASN D 326 -7.35 33.52 13.34
C ASN D 326 -8.25 34.35 14.25
N ASP D 327 -7.79 35.56 14.57
CA ASP D 327 -8.52 36.43 15.50
C ASP D 327 -8.79 35.69 16.82
N THR D 328 -7.78 34.97 17.29
CA THR D 328 -7.86 34.27 18.56
C THR D 328 -6.54 34.43 19.31
N GLU D 329 -6.54 35.31 20.31
CA GLU D 329 -5.34 35.60 21.07
C GLU D 329 -5.12 34.59 22.19
N THR D 330 -4.10 33.76 22.02
CA THR D 330 -3.76 32.74 23.02
C THR D 330 -2.99 33.35 24.18
N PHE D 331 -3.45 33.08 25.39
CA PHE D 331 -2.76 33.54 26.60
C PHE D 331 -2.24 32.34 27.38
N ARG D 332 -1.01 32.44 27.86
CA ARG D 332 -0.41 31.36 28.63
C ARG D 332 0.12 31.91 29.96
N PRO D 333 0.14 31.07 31.00
CA PRO D 333 0.69 31.46 32.30
C PRO D 333 2.00 32.23 32.17
N GLY D 334 2.16 33.28 32.98
CA GLY D 334 3.29 34.19 32.85
C GLY D 334 4.65 33.51 32.93
N GLY D 335 5.61 34.05 32.20
CA GLY D 335 6.97 33.52 32.19
C GLY D 335 7.90 34.37 31.34
N GLN E 1 28.82 37.86 21.99
CA GLN E 1 29.95 37.52 22.91
C GLN E 1 29.95 36.04 23.26
N VAL E 2 28.85 35.36 22.97
CA VAL E 2 28.72 33.94 23.30
C VAL E 2 28.89 33.07 22.06
N GLN E 3 29.97 32.29 22.05
CA GLN E 3 30.22 31.38 20.94
C GLN E 3 30.06 29.91 21.37
N LEU E 4 29.48 29.11 20.49
CA LEU E 4 29.40 27.67 20.71
C LEU E 4 30.12 26.95 19.58
N GLN E 5 30.87 25.91 19.93
CA GLN E 5 31.56 25.11 18.92
C GLN E 5 31.59 23.65 19.33
N GLU E 6 31.10 22.79 18.44
CA GLU E 6 31.04 21.36 18.72
C GLU E 6 32.29 20.66 18.21
N SER E 7 32.86 19.82 19.07
CA SER E 7 34.06 19.06 18.73
C SER E 7 33.81 17.57 18.93
N GLY E 8 34.38 16.76 18.06
CA GLY E 8 34.23 15.31 18.16
C GLY E 8 34.54 14.61 16.86
N PRO E 9 34.72 13.28 16.92
CA PRO E 9 35.08 12.47 15.74
C PRO E 9 34.13 12.70 14.58
N GLY E 10 34.67 13.10 13.43
CA GLY E 10 33.87 13.38 12.25
C GLY E 10 33.53 12.12 11.47
N VAL E 11 33.92 10.96 11.99
CA VAL E 11 33.61 9.68 11.36
C VAL E 11 33.36 8.59 12.41
N VAL E 12 32.21 7.92 12.29
CA VAL E 12 31.83 6.87 13.21
C VAL E 12 31.27 5.68 12.44
N LYS E 13 31.91 4.52 12.56
CA LYS E 13 31.47 3.33 11.84
C LYS E 13 30.08 2.88 12.29
N SER E 14 29.36 2.23 11.38
CA SER E 14 28.02 1.74 11.67
C SER E 14 28.01 0.91 12.95
N SER E 15 26.83 0.78 13.56
CA SER E 15 26.65 -0.04 14.75
C SER E 15 27.35 0.49 16.00
N GLU E 16 28.04 1.61 15.89
CA GLU E 16 28.74 2.21 17.04
C GLU E 16 27.94 3.36 17.64
N THR E 17 28.53 4.04 18.61
CA THR E 17 27.85 5.15 19.30
C THR E 17 28.48 6.50 18.98
N LEU E 18 27.75 7.32 18.24
CA LEU E 18 28.19 8.67 17.92
C LEU E 18 28.26 9.53 19.18
N SER E 19 29.44 10.11 19.43
CA SER E 19 29.63 10.94 20.62
C SER E 19 30.28 12.27 20.28
N LEU E 20 29.57 13.37 20.54
CA LEU E 20 30.10 14.71 20.35
C LEU E 20 30.04 15.49 21.65
N THR E 21 30.53 16.72 21.62
CA THR E 21 30.49 17.60 22.79
C THR E 21 30.67 19.06 22.37
N CYS E 22 29.93 19.95 23.02
CA CYS E 22 29.97 21.37 22.66
C CYS E 22 30.67 22.18 23.74
N THR E 23 31.37 23.22 23.32
CA THR E 23 32.06 24.12 24.24
C THR E 23 31.36 25.47 24.24
N VAL E 24 31.24 26.07 25.42
CA VAL E 24 30.56 27.36 25.56
C VAL E 24 31.56 28.45 25.90
N SER E 25 31.95 29.22 24.89
CA SER E 25 32.90 30.32 25.07
C SER E 25 32.19 31.57 25.57
N GLY E 26 32.48 31.95 26.81
CA GLY E 26 31.85 33.12 27.41
C GLY E 26 30.47 32.78 27.96
N GLY E 27 29.87 33.74 28.66
CA GLY E 27 28.54 33.54 29.21
C GLY E 27 28.51 32.45 30.27
N SER E 28 27.34 32.20 30.84
CA SER E 28 27.18 31.20 31.89
C SER E 28 26.31 30.05 31.41
N MET E 29 26.36 28.94 32.14
CA MET E 29 25.60 27.74 31.78
C MET E 29 24.16 27.83 32.25
N GLY E 30 23.89 28.73 33.21
CA GLY E 30 22.57 28.87 33.78
C GLY E 30 21.62 29.68 32.92
N GLY E 31 20.34 29.37 33.01
CA GLY E 31 19.30 30.10 32.30
C GLY E 31 19.31 29.86 30.81
N THR E 32 19.69 28.65 30.40
CA THR E 32 19.80 28.33 28.99
C THR E 32 19.52 26.86 28.71
N TYR E 33 18.70 26.61 27.70
CA TYR E 33 18.47 25.26 27.23
C TYR E 33 19.50 24.93 26.16
N TRP E 34 20.47 24.10 26.51
CA TRP E 34 21.55 23.75 25.60
C TRP E 34 21.12 22.63 24.68
N SER E 35 21.08 22.92 23.38
CA SER E 35 20.39 22.06 22.42
C SER E 35 21.32 21.38 21.41
N TRP E 36 20.82 20.29 20.84
CA TRP E 36 21.52 19.57 19.79
C TRP E 36 20.58 19.31 18.62
N LEU E 37 20.99 19.71 17.43
CA LEU E 37 20.19 19.48 16.23
C LEU E 37 21.07 18.89 15.14
N ARG E 38 20.44 18.28 14.14
CA ARG E 38 21.20 17.78 12.99
C ARG E 38 20.50 18.14 11.69
N LEU E 39 21.25 18.07 10.59
CA LEU E 39 20.75 18.49 9.29
C LEU E 39 21.34 17.61 8.19
N SER E 40 20.48 17.06 7.34
CA SER E 40 20.94 16.25 6.22
C SER E 40 19.85 16.14 5.16
N PRO E 41 20.26 15.90 3.91
CA PRO E 41 19.28 15.62 2.85
C PRO E 41 18.67 14.24 3.05
N GLY E 42 17.34 14.16 3.10
CA GLY E 42 16.67 12.90 3.36
C GLY E 42 16.06 12.87 4.74
N LYS E 43 16.62 13.65 5.67
CA LYS E 43 16.03 13.83 6.99
C LYS E 43 15.89 15.30 7.34
N GLY E 44 16.24 16.18 6.39
CA GLY E 44 16.15 17.61 6.60
C GLY E 44 16.79 18.07 7.90
N LEU E 45 16.23 19.13 8.47
CA LEU E 45 16.70 19.66 9.75
C LEU E 45 15.77 19.17 10.85
N GLU E 46 16.35 18.66 11.94
CA GLU E 46 15.54 18.09 13.02
C GLU E 46 16.18 18.24 14.40
N TRP E 47 15.36 18.69 15.36
CA TRP E 47 15.81 18.87 16.73
C TRP E 47 15.97 17.52 17.45
N ILE E 48 17.11 17.35 18.13
CA ILE E 48 17.43 16.10 18.80
C ILE E 48 17.10 16.15 20.28
N GLY E 49 17.35 17.29 20.92
CA GLY E 49 17.09 17.44 22.33
C GLY E 49 17.86 18.58 22.96
N TYR E 50 17.35 19.11 24.07
CA TYR E 50 18.05 20.14 24.81
C TYR E 50 18.24 19.70 26.26
N ILE E 51 18.90 20.53 27.05
CA ILE E 51 19.17 20.21 28.45
C ILE E 51 19.34 21.48 29.27
N PHE E 52 18.92 21.44 30.53
CA PHE E 52 19.02 22.59 31.42
C PHE E 52 20.21 22.40 32.36
N HIS E 53 20.64 23.49 33.00
CA HIS E 53 21.83 23.46 33.82
C HIS E 53 21.64 22.69 35.13
N THR E 54 20.45 22.11 35.31
CA THR E 54 20.18 21.29 36.48
C THR E 54 20.27 19.80 36.16
N GLY E 55 20.34 19.47 34.88
CA GLY E 55 20.41 18.09 34.44
C GLY E 55 19.09 17.58 33.89
N GLU E 56 18.10 18.46 33.83
CA GLU E 56 16.79 18.11 33.29
C GLU E 56 16.86 18.10 31.77
N THR E 57 16.56 16.95 31.16
CA THR E 57 16.68 16.78 29.72
C THR E 57 15.34 16.59 29.03
N ASN E 58 15.28 16.96 27.76
CA ASN E 58 14.09 16.73 26.94
C ASN E 58 14.47 16.32 25.52
N TYR E 59 14.32 15.04 25.22
CA TYR E 59 14.72 14.51 23.91
C TYR E 59 13.56 14.45 22.94
N SER E 60 13.88 14.35 21.65
CA SER E 60 12.85 14.24 20.63
C SER E 60 12.36 12.79 20.52
N PRO E 61 11.04 12.59 20.60
CA PRO E 61 10.42 11.27 20.54
C PRO E 61 11.05 10.33 19.50
N SER E 62 11.32 10.85 18.31
CA SER E 62 11.84 10.02 17.22
C SER E 62 13.20 9.42 17.52
N LEU E 63 13.95 10.05 18.43
CA LEU E 63 15.28 9.56 18.80
C LEU E 63 15.32 9.13 20.27
N LYS E 64 14.16 9.12 20.92
CA LYS E 64 14.07 8.66 22.30
C LYS E 64 14.46 7.20 22.36
N GLY E 65 15.30 6.84 23.32
CA GLY E 65 15.72 5.46 23.49
C GLY E 65 17.18 5.25 23.14
N ARG E 66 17.73 6.13 22.30
CA ARG E 66 19.14 6.07 21.95
C ARG E 66 19.77 7.47 21.88
N VAL E 67 19.30 8.36 22.76
CA VAL E 67 19.85 9.70 22.85
C VAL E 67 20.11 10.07 24.30
N SER E 68 21.33 10.51 24.58
CA SER E 68 21.71 10.96 25.91
C SER E 68 22.39 12.32 25.83
N ILE E 69 22.17 13.15 26.85
CA ILE E 69 22.80 14.46 26.91
C ILE E 69 23.21 14.78 28.34
N SER E 70 24.51 15.01 28.54
CA SER E 70 25.03 15.38 29.84
C SER E 70 25.52 16.82 29.82
N VAL E 71 25.86 17.36 30.98
CA VAL E 71 26.32 18.74 31.08
C VAL E 71 27.25 18.95 32.26
N ASP E 72 28.55 19.11 31.96
CA ASP E 72 29.54 19.35 32.99
C ASP E 72 29.63 20.85 33.29
N THR E 73 28.88 21.29 34.29
CA THR E 73 28.82 22.71 34.64
C THR E 73 30.22 23.25 34.95
N SER E 74 31.10 22.38 35.40
CA SER E 74 32.45 22.78 35.82
C SER E 74 33.25 23.38 34.67
N GLU E 75 33.40 22.63 33.58
CA GLU E 75 34.23 23.08 32.46
C GLU E 75 33.40 23.64 31.31
N ASP E 76 32.20 24.12 31.61
CA ASP E 76 31.37 24.82 30.62
C ASP E 76 31.19 24.03 29.33
N GLN E 77 30.73 22.79 29.45
CA GLN E 77 30.48 21.95 28.30
C GLN E 77 29.25 21.09 28.49
N PHE E 78 28.59 20.75 27.39
CA PHE E 78 27.52 19.77 27.40
C PHE E 78 27.69 18.89 26.17
N SER E 79 27.35 17.61 26.30
CA SER E 79 27.65 16.64 25.26
C SER E 79 26.44 15.84 24.80
N LEU E 80 26.60 15.17 23.66
CA LEU E 80 25.54 14.36 23.07
C LEU E 80 26.07 12.97 22.73
N ARG E 81 25.29 11.93 23.05
CA ARG E 81 25.64 10.57 22.71
C ARG E 81 24.49 9.88 21.99
N LEU E 82 24.74 9.50 20.74
CA LEU E 82 23.71 8.87 19.92
C LEU E 82 23.98 7.37 19.79
N ARG E 83 23.46 6.61 20.76
CA ARG E 83 23.66 5.16 20.81
C ARG E 83 23.20 4.48 19.53
N SER E 84 23.94 3.46 19.12
CA SER E 84 23.56 2.62 17.97
C SER E 84 23.13 3.45 16.75
N VAL E 85 24.11 3.84 15.93
CA VAL E 85 23.85 4.65 14.75
C VAL E 85 23.87 3.81 13.47
N THR E 86 23.25 4.34 12.42
CA THR E 86 23.24 3.70 11.12
C THR E 86 23.60 4.70 10.04
N ALA E 87 23.71 4.24 8.80
CA ALA E 87 24.05 5.11 7.68
C ALA E 87 23.13 6.33 7.61
N ALA E 88 21.90 6.15 8.06
CA ALA E 88 20.89 7.22 7.99
C ALA E 88 21.25 8.42 8.85
N ASP E 89 22.11 8.22 9.85
CA ASP E 89 22.49 9.29 10.76
C ASP E 89 23.63 10.13 10.19
N THR E 90 24.09 9.78 8.99
CA THR E 90 25.11 10.56 8.29
C THR E 90 24.62 11.99 8.13
N ALA E 91 25.00 12.87 9.06
CA ALA E 91 24.50 14.24 9.04
C ALA E 91 25.45 15.24 9.68
N VAL E 92 25.14 16.52 9.50
CA VAL E 92 25.86 17.60 10.16
C VAL E 92 25.14 17.96 11.45
N TYR E 93 25.84 17.85 12.58
CA TYR E 93 25.24 18.11 13.88
C TYR E 93 25.63 19.48 14.42
N PHE E 94 24.63 20.24 14.84
CA PHE E 94 24.84 21.56 15.41
C PHE E 94 24.59 21.54 16.91
N CYS E 95 25.13 22.52 17.60
CA CYS E 95 24.75 22.77 18.99
C CYS E 95 24.31 24.22 19.11
N ALA E 96 23.19 24.46 19.77
CA ALA E 96 22.65 25.80 19.89
C ALA E 96 22.08 26.04 21.28
N SER E 97 21.38 27.15 21.45
CA SER E 97 20.79 27.49 22.74
C SER E 97 19.33 27.93 22.61
N LEU E 98 18.66 28.02 23.75
CA LEU E 98 17.29 28.53 23.80
C LEU E 98 17.10 29.22 25.13
N PRO E 99 16.73 30.51 25.10
CA PRO E 99 16.52 31.22 26.37
C PRO E 99 15.45 30.57 27.24
N ARG E 100 15.81 30.29 28.48
CA ARG E 100 14.88 29.71 29.44
C ARG E 100 13.63 30.56 29.55
N GLY E 101 12.47 29.95 29.33
CA GLY E 101 11.21 30.66 29.43
C GLY E 101 10.12 30.07 28.56
N GLN E 102 9.51 30.90 27.72
CA GLN E 102 8.43 30.48 26.84
C GLN E 102 8.94 30.20 25.43
N LEU E 103 9.05 28.93 25.08
CA LEU E 103 9.57 28.57 23.77
C LEU E 103 8.45 28.19 22.79
N VAL E 104 7.29 28.83 22.98
CA VAL E 104 6.20 28.70 22.02
C VAL E 104 6.60 29.31 20.68
N ASN E 105 7.33 30.41 20.73
CA ASN E 105 7.82 31.06 19.51
C ASN E 105 9.33 31.35 19.57
N ALA E 106 10.01 30.73 20.51
CA ALA E 106 11.45 30.92 20.65
C ALA E 106 12.18 30.23 19.51
N TYR E 107 13.30 30.83 19.09
CA TYR E 107 14.12 30.28 18.02
C TYR E 107 15.51 29.94 18.54
N PHE E 108 16.25 29.17 17.76
CA PHE E 108 17.57 28.70 18.19
C PHE E 108 18.66 29.74 17.93
N ARG E 109 19.35 30.11 19.00
CA ARG E 109 20.41 31.11 18.92
C ARG E 109 21.79 30.48 19.09
N ASN E 110 22.82 31.27 18.80
CA ASN E 110 24.20 30.86 18.99
C ASN E 110 24.52 29.52 18.34
N TRP E 111 24.24 29.41 17.05
CA TRP E 111 24.51 28.17 16.32
C TRP E 111 26.01 27.92 16.26
N GLY E 112 26.39 26.65 16.41
CA GLY E 112 27.79 26.28 16.30
C GLY E 112 28.20 26.24 14.84
N ARG E 113 29.49 26.04 14.62
CA ARG E 113 30.01 25.91 13.26
C ARG E 113 29.28 24.77 12.54
N GLY E 114 29.04 23.69 13.28
CA GLY E 114 28.44 22.50 12.73
C GLY E 114 29.51 21.47 12.43
N SER E 115 29.33 20.26 12.94
CA SER E 115 30.31 19.20 12.71
C SER E 115 29.71 18.08 11.88
N LEU E 116 30.25 17.88 10.69
CA LEU E 116 29.80 16.80 9.82
C LEU E 116 30.30 15.46 10.35
N VAL E 117 29.38 14.62 10.78
CA VAL E 117 29.71 13.24 11.14
C VAL E 117 29.04 12.32 10.13
N SER E 118 29.86 11.49 9.47
CA SER E 118 29.34 10.59 8.45
C SER E 118 29.46 9.13 8.89
N VAL E 119 28.33 8.56 9.30
CA VAL E 119 28.29 7.17 9.73
C VAL E 119 28.59 6.26 8.54
N THR E 120 29.60 5.42 8.69
CA THR E 120 30.22 4.76 7.56
C THR E 120 30.14 3.24 7.61
N ALA E 121 30.53 2.60 6.52
CA ALA E 121 30.52 1.15 6.43
C ALA E 121 31.53 0.54 7.38
N ALA E 122 31.49 -0.78 7.51
CA ALA E 122 32.35 -1.48 8.46
C ALA E 122 33.79 -1.60 7.95
N SER E 123 33.95 -2.01 6.70
CA SER E 123 35.28 -2.24 6.13
C SER E 123 35.31 -1.95 4.65
N THR E 124 36.52 -1.91 4.09
CA THR E 124 36.70 -1.73 2.66
C THR E 124 36.14 -2.93 1.92
N LYS E 125 35.34 -2.68 0.88
CA LYS E 125 34.76 -3.76 0.10
C LYS E 125 34.78 -3.45 -1.39
N GLY E 126 35.33 -4.37 -2.16
CA GLY E 126 35.37 -4.24 -3.61
C GLY E 126 33.98 -4.38 -4.20
N PRO E 127 33.66 -3.56 -5.21
CA PRO E 127 32.33 -3.57 -5.83
C PRO E 127 32.02 -4.84 -6.60
N SER E 128 30.73 -5.10 -6.80
CA SER E 128 30.28 -6.09 -7.76
C SER E 128 29.76 -5.33 -8.97
N VAL E 129 30.12 -5.77 -10.16
CA VAL E 129 29.76 -5.06 -11.38
C VAL E 129 28.81 -5.90 -12.22
N PHE E 130 27.64 -5.33 -12.50
CA PHE E 130 26.66 -6.01 -13.33
C PHE E 130 26.32 -5.17 -14.55
N PRO E 131 26.05 -5.83 -15.69
CA PRO E 131 25.73 -5.12 -16.92
C PRO E 131 24.27 -4.71 -17.00
N LEU E 132 24.01 -3.58 -17.65
CA LEU E 132 22.64 -3.14 -17.88
C LEU E 132 22.34 -3.24 -19.37
N ALA E 133 21.81 -4.38 -19.80
CA ALA E 133 21.54 -4.64 -21.20
C ALA E 133 20.59 -3.59 -21.76
N PRO E 134 20.82 -3.16 -23.01
CA PRO E 134 19.98 -2.16 -23.66
C PRO E 134 18.62 -2.71 -24.08
N SER E 135 17.69 -1.81 -24.38
CA SER E 135 16.35 -2.20 -24.80
C SER E 135 16.20 -2.18 -26.31
N GLY E 141 17.91 10.08 -34.71
CA GLY E 141 17.83 9.59 -33.34
C GLY E 141 17.56 8.11 -33.27
N GLY E 142 16.58 7.72 -32.45
CA GLY E 142 16.26 6.32 -32.25
C GLY E 142 17.44 5.59 -31.63
N THR E 143 18.09 6.25 -30.67
CA THR E 143 19.28 5.70 -30.03
C THR E 143 18.90 4.88 -28.80
N ALA E 144 19.75 3.92 -28.45
CA ALA E 144 19.53 3.07 -27.29
C ALA E 144 20.46 3.43 -26.16
N ALA E 145 20.20 2.88 -24.97
CA ALA E 145 21.02 3.16 -23.81
C ALA E 145 21.45 1.87 -23.10
N LEU E 146 22.73 1.75 -22.83
CA LEU E 146 23.27 0.61 -22.10
C LEU E 146 24.29 1.12 -21.09
N GLY E 147 24.38 0.46 -19.94
CA GLY E 147 25.24 0.92 -18.87
C GLY E 147 25.76 -0.17 -17.97
N CYS E 148 26.57 0.22 -16.99
CA CYS E 148 27.09 -0.70 -15.99
C CYS E 148 26.55 -0.31 -14.63
N LEU E 149 26.47 -1.28 -13.72
CA LEU E 149 26.00 -1.03 -12.37
C LEU E 149 27.06 -1.46 -11.36
N VAL E 150 27.73 -0.47 -10.77
CA VAL E 150 28.74 -0.76 -9.75
C VAL E 150 28.04 -0.79 -8.39
N LYS E 151 27.92 -1.98 -7.82
CA LYS E 151 27.09 -2.18 -6.63
C LYS E 151 27.91 -2.47 -5.38
N ASP E 152 27.47 -1.89 -4.26
CA ASP E 152 28.01 -2.21 -2.93
C ASP E 152 29.53 -2.17 -2.86
N TYR E 153 30.08 -0.99 -2.63
CA TYR E 153 31.52 -0.87 -2.44
C TYR E 153 31.84 0.20 -1.40
N PHE E 154 33.06 0.16 -0.88
CA PHE E 154 33.50 1.14 0.08
C PHE E 154 35.01 1.04 0.28
N PRO E 155 35.68 2.20 0.41
CA PRO E 155 35.09 3.53 0.31
C PRO E 155 35.11 4.04 -1.13
N GLU E 156 34.72 5.29 -1.33
CA GLU E 156 34.88 5.92 -2.63
C GLU E 156 36.34 6.32 -2.78
N PRO E 157 36.75 6.75 -3.98
CA PRO E 157 35.93 6.87 -5.20
C PRO E 157 36.05 5.68 -6.12
N VAL E 158 35.28 5.70 -7.21
CA VAL E 158 35.39 4.72 -8.26
C VAL E 158 35.44 5.42 -9.61
N THR E 159 36.26 4.90 -10.52
CA THR E 159 36.36 5.44 -11.87
C THR E 159 35.79 4.42 -12.85
N VAL E 160 35.21 4.92 -13.93
CA VAL E 160 34.64 4.07 -14.96
C VAL E 160 34.91 4.66 -16.34
N SER E 161 35.30 3.81 -17.28
CA SER E 161 35.48 4.23 -18.66
C SER E 161 34.86 3.19 -19.59
N TRP E 162 34.82 3.49 -20.88
CA TRP E 162 34.22 2.59 -21.84
C TRP E 162 35.17 2.29 -23.00
N ASN E 163 35.12 1.05 -23.49
CA ASN E 163 35.97 0.64 -24.60
C ASN E 163 37.42 1.06 -24.40
N SER E 164 37.96 0.77 -23.23
CA SER E 164 39.34 1.10 -22.91
C SER E 164 39.62 2.58 -23.15
N GLY E 165 38.63 3.43 -22.85
CA GLY E 165 38.80 4.86 -22.96
C GLY E 165 38.59 5.40 -24.37
N ALA E 166 38.37 4.50 -25.32
CA ALA E 166 38.18 4.90 -26.71
C ALA E 166 36.75 5.39 -26.96
N LEU E 167 35.88 5.20 -25.97
CA LEU E 167 34.51 5.68 -26.04
C LEU E 167 34.24 6.69 -24.94
N THR E 168 33.85 7.89 -25.32
CA THR E 168 33.58 8.95 -24.36
C THR E 168 32.29 9.69 -24.70
N SER E 169 32.16 10.13 -25.94
CA SER E 169 30.97 10.84 -26.39
C SER E 169 29.72 10.04 -26.05
N GLY E 170 28.81 10.65 -25.28
CA GLY E 170 27.56 10.01 -24.94
C GLY E 170 27.62 9.21 -23.65
N VAL E 171 28.76 9.27 -22.97
CA VAL E 171 28.92 8.56 -21.71
C VAL E 171 28.58 9.46 -20.54
N HIS E 172 27.67 9.00 -19.69
CA HIS E 172 27.27 9.73 -18.50
C HIS E 172 27.42 8.82 -17.30
N THR E 173 28.25 9.22 -16.35
CA THR E 173 28.43 8.45 -15.11
C THR E 173 27.87 9.22 -13.93
N PHE E 174 26.72 8.76 -13.44
CA PHE E 174 26.04 9.43 -12.33
C PHE E 174 26.80 9.20 -11.03
N PRO E 175 26.78 10.20 -10.12
CA PRO E 175 27.39 10.04 -8.79
C PRO E 175 26.76 8.89 -8.00
N ALA E 176 27.39 8.50 -6.91
CA ALA E 176 26.97 7.32 -6.17
C ALA E 176 25.93 7.62 -5.10
N VAL E 177 25.21 6.59 -4.68
CA VAL E 177 24.27 6.68 -3.57
C VAL E 177 24.90 6.05 -2.33
N LEU E 178 24.66 6.67 -1.18
CA LEU E 178 25.08 6.08 0.09
C LEU E 178 23.91 5.27 0.67
N GLN E 179 23.97 3.96 0.48
CA GLN E 179 22.91 3.07 0.92
C GLN E 179 22.78 3.09 2.43
N SER E 180 21.66 2.57 2.94
CA SER E 180 21.42 2.51 4.37
C SER E 180 22.37 1.51 5.03
N SER E 181 23.05 0.71 4.22
CA SER E 181 24.01 -0.29 4.71
C SER E 181 25.37 0.33 4.98
N GLY E 182 25.62 1.51 4.42
CA GLY E 182 26.90 2.19 4.59
C GLY E 182 27.76 2.11 3.34
N LEU E 183 27.42 1.18 2.45
CA LEU E 183 28.15 1.00 1.21
C LEU E 183 27.64 1.95 0.15
N TYR E 184 28.35 2.01 -0.98
CA TYR E 184 28.01 2.93 -2.06
C TYR E 184 27.65 2.17 -3.33
N SER E 185 27.00 2.87 -4.26
CA SER E 185 26.67 2.31 -5.56
C SER E 185 26.47 3.43 -6.58
N LEU E 186 26.96 3.22 -7.80
CA LEU E 186 26.75 4.19 -8.87
C LEU E 186 26.47 3.46 -10.18
N SER E 187 26.15 4.22 -11.22
CA SER E 187 25.87 3.65 -12.54
C SER E 187 26.47 4.50 -13.66
N SER E 188 26.88 3.82 -14.72
CA SER E 188 27.43 4.48 -15.89
C SER E 188 26.60 4.04 -17.10
N VAL E 189 26.09 5.01 -17.87
CA VAL E 189 25.25 4.70 -19.01
C VAL E 189 25.78 5.39 -20.27
N VAL E 190 25.59 4.75 -21.42
CA VAL E 190 26.05 5.29 -22.68
C VAL E 190 24.91 5.37 -23.70
N THR E 191 24.80 6.53 -24.36
CA THR E 191 23.81 6.72 -25.41
C THR E 191 24.44 6.42 -26.76
N VAL E 192 24.09 5.27 -27.33
CA VAL E 192 24.65 4.85 -28.60
C VAL E 192 23.57 4.64 -29.64
N PRO E 193 23.91 4.82 -30.93
CA PRO E 193 22.96 4.53 -32.00
C PRO E 193 22.49 3.08 -31.97
N SER E 194 21.18 2.88 -31.93
CA SER E 194 20.62 1.54 -31.80
C SER E 194 20.88 0.69 -33.04
N SER E 195 21.31 1.34 -34.11
CA SER E 195 21.71 0.62 -35.32
C SER E 195 23.01 -0.12 -35.05
N SER E 196 23.96 0.57 -34.44
CA SER E 196 25.25 -0.02 -34.09
C SER E 196 25.15 -0.75 -32.75
N LEU E 197 24.25 -1.72 -32.68
CA LEU E 197 24.02 -2.48 -31.45
C LEU E 197 23.97 -3.97 -31.77
N GLY E 198 24.73 -4.76 -31.02
CA GLY E 198 24.82 -6.18 -31.28
C GLY E 198 25.89 -6.47 -32.32
N THR E 199 26.51 -5.41 -32.83
CA THR E 199 27.59 -5.52 -33.80
C THR E 199 28.83 -4.81 -33.26
N GLN E 200 28.63 -3.62 -32.70
CA GLN E 200 29.70 -2.89 -32.04
C GLN E 200 29.83 -3.34 -30.59
N THR E 201 31.02 -3.76 -30.21
CA THR E 201 31.28 -4.23 -28.86
C THR E 201 31.34 -3.06 -27.88
N TYR E 202 30.57 -3.15 -26.81
CA TYR E 202 30.60 -2.14 -25.75
C TYR E 202 31.02 -2.77 -24.43
N ILE E 203 32.10 -2.25 -23.85
CA ILE E 203 32.64 -2.76 -22.59
C ILE E 203 32.94 -1.62 -21.64
N CYS E 204 32.58 -1.80 -20.37
CA CYS E 204 32.89 -0.79 -19.36
C CYS E 204 34.07 -1.24 -18.51
N ASN E 205 34.93 -0.30 -18.17
CA ASN E 205 36.11 -0.58 -17.36
C ASN E 205 35.95 0.04 -15.99
N VAL E 206 35.65 -0.78 -14.99
CA VAL E 206 35.47 -0.30 -13.63
C VAL E 206 36.73 -0.54 -12.81
N ASN E 207 37.09 0.43 -11.99
CA ASN E 207 38.27 0.31 -11.13
C ASN E 207 38.04 0.96 -9.77
N HIS E 208 38.16 0.15 -8.73
CA HIS E 208 38.03 0.62 -7.35
C HIS E 208 39.33 0.35 -6.60
N LYS E 209 40.28 1.28 -6.73
CA LYS E 209 41.64 1.08 -6.23
C LYS E 209 41.73 0.90 -4.71
N PRO E 210 40.81 1.52 -3.96
CA PRO E 210 40.84 1.32 -2.51
C PRO E 210 40.79 -0.15 -2.11
N SER E 211 40.22 -0.99 -2.97
CA SER E 211 40.17 -2.42 -2.73
C SER E 211 40.92 -3.20 -3.82
N ASN E 212 41.65 -2.47 -4.66
CA ASN E 212 42.41 -3.08 -5.75
C ASN E 212 41.51 -3.95 -6.62
N THR E 213 40.30 -3.48 -6.84
CA THR E 213 39.33 -4.20 -7.66
C THR E 213 39.27 -3.57 -9.05
N LYS E 214 39.44 -4.39 -10.08
CA LYS E 214 39.43 -3.91 -11.45
C LYS E 214 38.69 -4.91 -12.32
N VAL E 215 37.52 -4.50 -12.81
CA VAL E 215 36.67 -5.41 -13.56
C VAL E 215 36.31 -4.83 -14.92
N ASP E 216 36.24 -5.70 -15.92
CA ASP E 216 35.80 -5.30 -17.25
C ASP E 216 34.59 -6.15 -17.63
N LYS E 217 33.41 -5.52 -17.69
CA LYS E 217 32.19 -6.24 -17.96
C LYS E 217 31.55 -5.82 -19.28
N LYS E 218 31.43 -6.77 -20.20
CA LYS E 218 30.82 -6.52 -21.50
C LYS E 218 29.31 -6.36 -21.34
N VAL E 219 28.75 -5.35 -21.99
CA VAL E 219 27.32 -5.08 -21.92
C VAL E 219 26.64 -5.38 -23.25
N GLU E 220 26.09 -6.59 -23.36
CA GLU E 220 25.42 -7.02 -24.58
C GLU E 220 23.92 -7.24 -24.30
N PRO E 221 23.08 -7.05 -25.33
CA PRO E 221 21.63 -7.18 -25.21
C PRO E 221 21.15 -8.61 -24.96
N LYS E 222 19.93 -8.75 -24.49
CA LYS E 222 19.35 -10.06 -24.21
C LYS E 222 18.70 -10.65 -25.46
N SER E 223 18.34 -11.93 -25.39
CA SER E 223 17.74 -12.62 -26.53
C SER E 223 16.50 -11.87 -27.03
N TYR F 1 6.74 12.91 11.59
CA TYR F 1 5.90 14.09 11.44
C TYR F 1 6.73 15.31 11.05
N GLU F 2 6.15 16.14 10.20
CA GLU F 2 6.84 17.33 9.70
C GLU F 2 5.82 18.33 9.19
N LEU F 3 6.20 19.61 9.16
CA LEU F 3 5.39 20.60 8.49
C LEU F 3 5.64 20.46 7.00
N THR F 4 4.65 20.76 6.18
CA THR F 4 4.75 20.53 4.75
C THR F 4 5.19 21.79 4.00
N GLN F 5 6.36 21.71 3.38
CA GLN F 5 6.85 22.77 2.52
C GLN F 5 7.03 22.25 1.10
N PRO F 6 7.04 23.15 0.11
CA PRO F 6 7.40 22.76 -1.26
C PRO F 6 8.92 22.58 -1.37
N PRO F 7 9.36 21.44 -1.91
CA PRO F 7 10.80 21.14 -1.98
C PRO F 7 11.56 22.00 -2.99
N SER F 8 10.85 22.73 -3.85
CA SER F 8 11.51 23.54 -4.87
C SER F 8 10.70 24.78 -5.22
N VAL F 9 11.29 25.95 -4.98
CA VAL F 9 10.71 27.21 -5.41
C VAL F 9 11.73 27.97 -6.24
N SER F 10 11.65 27.82 -7.56
CA SER F 10 12.59 28.44 -8.47
C SER F 10 11.96 29.64 -9.16
N VAL F 11 12.59 30.81 -9.00
CA VAL F 11 12.09 32.02 -9.61
C VAL F 11 13.19 32.79 -10.33
N SER F 12 12.83 33.51 -11.38
CA SER F 12 13.77 34.34 -12.11
C SER F 12 14.26 35.44 -11.18
N PRO F 13 15.52 35.87 -11.34
CA PRO F 13 16.06 36.90 -10.45
C PRO F 13 15.28 38.20 -10.55
N GLY F 14 14.80 38.69 -9.41
CA GLY F 14 14.00 39.91 -9.38
C GLY F 14 12.55 39.62 -9.01
N GLN F 15 12.09 38.43 -9.35
CA GLN F 15 10.73 38.00 -9.02
C GLN F 15 10.65 37.60 -7.56
N THR F 16 9.44 37.68 -7.00
CA THR F 16 9.23 37.31 -5.60
C THR F 16 9.10 35.81 -5.46
N ALA F 17 9.69 35.27 -4.40
CA ALA F 17 9.61 33.85 -4.09
C ALA F 17 8.81 33.64 -2.82
N THR F 18 7.88 32.69 -2.84
CA THR F 18 7.00 32.45 -1.69
C THR F 18 7.04 31.00 -1.23
N ILE F 19 7.49 30.80 0.01
CA ILE F 19 7.53 29.47 0.60
C ILE F 19 6.37 29.31 1.58
N THR F 20 5.55 28.29 1.36
CA THR F 20 4.42 28.02 2.23
C THR F 20 4.81 26.96 3.27
N CYS F 21 4.17 27.02 4.43
CA CYS F 21 4.47 26.11 5.52
C CYS F 21 3.17 25.64 6.17
N SER F 22 2.63 24.52 5.70
CA SER F 22 1.32 24.06 6.15
C SER F 22 1.39 23.07 7.29
N GLY F 23 0.59 23.30 8.32
CA GLY F 23 0.47 22.39 9.45
C GLY F 23 0.99 22.96 10.76
N ALA F 24 0.92 24.27 10.92
CA ALA F 24 1.40 24.92 12.14
C ALA F 24 0.25 25.54 12.91
N SER F 25 -0.02 25.00 14.09
CA SER F 25 -1.12 25.48 14.93
C SER F 25 -0.65 26.61 15.86
N THR F 26 0.64 26.91 15.81
CA THR F 26 1.22 27.98 16.64
C THR F 26 2.07 28.90 15.77
N ASN F 27 2.83 29.78 16.41
CA ASN F 27 3.71 30.69 15.68
C ASN F 27 4.85 29.93 14.99
N VAL F 28 5.41 30.56 13.96
CA VAL F 28 6.44 29.92 13.14
C VAL F 28 7.67 30.82 13.03
N CYS F 29 8.84 30.20 12.85
CA CYS F 29 10.06 30.93 12.54
C CYS F 29 10.81 30.24 11.40
N TRP F 30 11.49 31.04 10.58
CA TRP F 30 12.15 30.53 9.38
C TRP F 30 13.66 30.55 9.52
N TYR F 31 14.31 29.52 8.98
CA TYR F 31 15.76 29.42 9.00
C TYR F 31 16.33 29.33 7.60
N GLN F 32 17.40 30.07 7.35
CA GLN F 32 18.11 30.00 6.09
C GLN F 32 19.31 29.08 6.30
N VAL F 33 19.54 28.16 5.38
CA VAL F 33 20.63 27.19 5.52
C VAL F 33 21.40 27.02 4.22
N LYS F 34 22.63 27.54 4.19
CA LYS F 34 23.48 27.46 3.02
C LYS F 34 24.57 26.42 3.23
N PRO F 35 25.06 25.80 2.15
CA PRO F 35 26.11 24.78 2.25
C PRO F 35 27.31 25.24 3.07
N GLY F 36 27.68 24.46 4.08
CA GLY F 36 28.83 24.77 4.90
C GLY F 36 28.54 25.75 6.03
N GLN F 37 27.41 26.45 5.94
CA GLN F 37 27.10 27.53 6.87
C GLN F 37 26.09 27.09 7.94
N SER F 38 26.12 27.79 9.08
CA SER F 38 25.17 27.54 10.15
C SER F 38 23.83 28.17 9.80
N PRO F 39 22.73 27.56 10.27
CA PRO F 39 21.40 28.13 10.05
C PRO F 39 21.30 29.56 10.60
N GLU F 40 20.47 30.39 9.98
CA GLU F 40 20.33 31.78 10.38
C GLU F 40 18.88 32.22 10.26
N VAL F 41 18.27 32.56 11.39
CA VAL F 41 16.89 33.02 11.40
C VAL F 41 16.72 34.25 10.50
N VAL F 42 15.69 34.21 9.67
CA VAL F 42 15.36 35.34 8.81
C VAL F 42 14.03 35.95 9.24
N ILE F 43 13.13 35.12 9.74
CA ILE F 43 11.85 35.59 10.27
C ILE F 43 11.47 34.74 11.48
N PHE F 44 11.09 35.40 12.57
CA PHE F 44 10.60 34.69 13.75
C PHE F 44 9.26 35.28 14.17
N GLU F 45 8.51 34.52 14.97
CA GLU F 45 7.16 34.92 15.37
C GLU F 45 6.34 35.33 14.17
N ASN F 46 6.36 34.49 13.13
CA ASN F 46 5.54 34.68 11.94
C ASN F 46 6.02 35.80 11.03
N TYR F 47 6.13 37.02 11.57
CA TYR F 47 6.40 38.20 10.76
C TYR F 47 7.59 39.04 11.23
N LYS F 48 8.05 38.83 12.45
CA LYS F 48 9.14 39.63 13.00
C LYS F 48 10.45 39.32 12.28
N ARG F 49 11.23 40.37 12.01
CA ARG F 49 12.50 40.25 11.32
C ARG F 49 13.62 40.81 12.20
N PRO F 50 14.63 39.98 12.51
CA PRO F 50 15.71 40.41 13.40
C PRO F 50 16.67 41.39 12.72
N SER F 51 17.15 42.37 13.47
CA SER F 51 18.11 43.35 12.95
C SER F 51 19.27 42.61 12.30
N GLY F 52 19.78 43.16 11.21
CA GLY F 52 20.87 42.54 10.47
C GLY F 52 20.36 41.80 9.25
N ILE F 53 19.10 41.37 9.30
CA ILE F 53 18.47 40.70 8.16
C ILE F 53 17.80 41.72 7.27
N PRO F 54 18.05 41.64 5.95
CA PRO F 54 17.46 42.61 5.01
C PRO F 54 15.94 42.62 5.06
N ASP F 55 15.35 43.79 4.81
CA ASP F 55 13.90 43.95 4.90
C ASP F 55 13.17 43.50 3.62
N ARG F 56 13.92 42.92 2.69
CA ARG F 56 13.32 42.32 1.51
C ARG F 56 12.78 40.93 1.86
N PHE F 57 13.12 40.46 3.06
CA PHE F 57 12.52 39.25 3.61
C PHE F 57 11.35 39.65 4.51
N SER F 58 10.23 38.98 4.35
CA SER F 58 9.05 39.24 5.17
C SER F 58 8.20 37.97 5.25
N GLY F 59 7.34 37.90 6.27
CA GLY F 59 6.51 36.72 6.45
C GLY F 59 5.16 37.03 7.06
N SER F 60 4.16 36.26 6.66
CA SER F 60 2.81 36.38 7.22
C SER F 60 2.31 35.00 7.60
N LYS F 61 1.09 34.94 8.11
CA LYS F 61 0.49 33.67 8.50
C LYS F 61 -1.02 33.78 8.67
N SER F 62 -1.72 32.69 8.40
CA SER F 62 -3.16 32.64 8.59
C SER F 62 -3.61 31.20 8.81
N GLY F 63 -3.86 30.85 10.07
CA GLY F 63 -4.32 29.52 10.41
C GLY F 63 -3.18 28.52 10.51
N SER F 64 -3.22 27.49 9.68
CA SER F 64 -2.21 26.44 9.71
C SER F 64 -1.10 26.69 8.71
N THR F 65 -1.20 27.78 7.96
CA THR F 65 -0.23 28.07 6.91
C THR F 65 0.54 29.35 7.16
N ALA F 66 1.86 29.23 7.24
CA ALA F 66 2.74 30.38 7.36
C ALA F 66 3.39 30.62 6.02
N THR F 67 3.91 31.83 5.82
CA THR F 67 4.52 32.19 4.54
C THR F 67 5.79 33.00 4.72
N LEU F 68 6.81 32.63 3.95
CA LEU F 68 8.03 33.41 3.86
C LEU F 68 8.09 34.03 2.46
N THR F 69 8.39 35.32 2.40
CA THR F 69 8.34 36.04 1.14
C THR F 69 9.67 36.74 0.82
N ILE F 70 10.33 36.28 -0.23
CA ILE F 70 11.62 36.84 -0.63
C ILE F 70 11.45 37.78 -1.82
N ARG F 71 11.16 39.05 -1.53
CA ARG F 71 10.98 40.04 -2.57
C ARG F 71 12.31 40.38 -3.22
N GLY F 72 12.32 40.46 -4.55
CA GLY F 72 13.53 40.72 -5.28
C GLY F 72 14.60 39.70 -4.97
N THR F 73 14.36 38.45 -5.36
CA THR F 73 15.25 37.34 -5.04
C THR F 73 16.62 37.52 -5.70
N GLN F 74 17.66 37.53 -4.87
CA GLN F 74 19.04 37.64 -5.36
C GLN F 74 19.71 36.27 -5.25
N ALA F 75 20.79 36.09 -6.00
CA ALA F 75 21.52 34.82 -6.00
C ALA F 75 22.02 34.47 -4.59
N ILE F 76 22.30 35.50 -3.80
CA ILE F 76 22.80 35.31 -2.44
C ILE F 76 21.74 34.66 -1.55
N ASP F 77 20.50 34.64 -2.02
CA ASP F 77 19.39 34.08 -1.26
C ASP F 77 19.20 32.59 -1.54
N GLU F 78 19.78 32.10 -2.63
CA GLU F 78 19.71 30.69 -2.97
C GLU F 78 20.18 29.85 -1.80
N ALA F 79 19.28 29.05 -1.25
CA ALA F 79 19.61 28.19 -0.11
C ALA F 79 18.41 27.33 0.24
N ASP F 80 18.56 26.49 1.26
CA ASP F 80 17.46 25.70 1.77
C ASP F 80 16.82 26.41 2.96
N TYR F 81 15.51 26.62 2.89
CA TYR F 81 14.80 27.30 3.97
C TYR F 81 13.91 26.34 4.73
N TYR F 82 14.06 26.32 6.05
CA TYR F 82 13.27 25.46 6.92
C TYR F 82 12.42 26.29 7.88
N CYS F 83 11.12 26.01 7.92
CA CYS F 83 10.24 26.65 8.88
C CYS F 83 10.20 25.81 10.15
N GLN F 84 9.87 26.43 11.28
CA GLN F 84 9.78 25.73 12.54
C GLN F 84 8.52 26.09 13.30
N VAL F 85 8.04 25.15 14.11
CA VAL F 85 6.95 25.42 15.04
C VAL F 85 7.25 24.71 16.35
N TRP F 86 6.63 25.16 17.43
CA TRP F 86 6.70 24.44 18.69
C TRP F 86 5.35 23.79 18.97
N ASP F 87 5.38 22.56 19.46
CA ASP F 87 4.15 21.88 19.81
C ASP F 87 4.32 20.99 21.03
N SER F 88 3.21 20.66 21.67
CA SER F 88 3.24 20.05 23.00
C SER F 88 3.66 18.58 23.01
N PHE F 89 3.44 17.88 21.90
CA PHE F 89 3.70 16.45 21.89
C PHE F 89 5.17 16.11 21.61
N SER F 90 5.78 16.81 20.66
CA SER F 90 7.16 16.52 20.28
C SER F 90 8.04 17.78 20.32
N THR F 91 7.61 18.78 21.08
CA THR F 91 8.44 19.95 21.40
C THR F 91 8.74 20.86 20.20
N PHE F 92 9.59 20.40 19.28
CA PHE F 92 9.96 21.18 18.10
C PHE F 92 9.81 20.39 16.82
N VAL F 93 9.17 20.99 15.82
CA VAL F 93 9.00 20.36 14.53
C VAL F 93 9.41 21.32 13.42
N PHE F 94 10.14 20.82 12.44
CA PHE F 94 10.57 21.62 11.30
C PHE F 94 9.84 21.20 10.04
N GLY F 95 9.83 22.07 9.04
CA GLY F 95 9.22 21.75 7.76
C GLY F 95 10.08 20.81 6.94
N SER F 96 9.56 20.38 5.79
CA SER F 96 10.27 19.41 4.96
C SER F 96 11.41 20.04 4.16
N GLY F 97 11.53 21.37 4.25
CA GLY F 97 12.60 22.07 3.58
C GLY F 97 12.23 22.56 2.19
N THR F 98 12.75 23.73 1.83
CA THR F 98 12.52 24.31 0.52
C THR F 98 13.83 24.75 -0.10
N GLN F 99 14.08 24.33 -1.34
CA GLN F 99 15.30 24.71 -2.04
C GLN F 99 15.04 25.88 -2.97
N VAL F 100 15.24 27.09 -2.47
CA VAL F 100 15.08 28.29 -3.27
C VAL F 100 16.21 28.38 -4.28
N THR F 101 15.85 28.61 -5.54
CA THR F 101 16.83 28.69 -6.62
C THR F 101 16.55 29.90 -7.51
N VAL F 102 17.60 30.52 -8.00
CA VAL F 102 17.47 31.61 -8.96
C VAL F 102 17.70 31.08 -10.37
N LEU F 103 16.64 31.09 -11.19
CA LEU F 103 16.74 30.58 -12.55
C LEU F 103 17.74 31.39 -13.36
N ARG F 104 18.74 30.69 -13.90
CA ARG F 104 19.76 31.31 -14.71
C ARG F 104 19.83 30.61 -16.05
N GLN F 105 18.76 29.90 -16.40
CA GLN F 105 18.76 29.03 -17.57
C GLN F 105 17.34 28.53 -17.85
N PRO F 106 17.02 28.30 -19.13
CA PRO F 106 15.71 27.76 -19.52
C PRO F 106 15.37 26.43 -18.83
N LYS F 107 14.10 26.23 -18.52
CA LYS F 107 13.65 25.00 -17.87
C LYS F 107 13.81 23.81 -18.82
N ALA F 108 14.67 22.88 -18.44
CA ALA F 108 14.84 21.64 -19.21
C ALA F 108 14.14 20.50 -18.47
N ASN F 109 13.35 19.72 -19.20
CA ASN F 109 12.64 18.60 -18.61
C ASN F 109 13.52 17.35 -18.55
N PRO F 110 13.44 16.60 -17.44
CA PRO F 110 14.31 15.45 -17.20
C PRO F 110 14.12 14.33 -18.22
N THR F 111 15.17 13.52 -18.39
CA THR F 111 15.12 12.37 -19.26
C THR F 111 15.28 11.10 -18.43
N VAL F 112 14.17 10.42 -18.18
CA VAL F 112 14.16 9.24 -17.32
C VAL F 112 14.52 7.98 -18.08
N THR F 113 15.50 7.25 -17.56
CA THR F 113 15.89 5.96 -18.12
C THR F 113 15.84 4.90 -17.03
N LEU F 114 15.04 3.87 -17.24
CA LEU F 114 14.87 2.81 -16.24
C LEU F 114 15.48 1.51 -16.73
N PHE F 115 16.22 0.84 -15.85
CA PHE F 115 16.83 -0.44 -16.17
C PHE F 115 16.35 -1.53 -15.23
N PRO F 116 15.99 -2.69 -15.78
CA PRO F 116 15.54 -3.83 -14.96
C PRO F 116 16.73 -4.59 -14.37
N PRO F 117 16.49 -5.35 -13.28
CA PRO F 117 17.55 -6.16 -12.68
C PRO F 117 18.20 -7.10 -13.69
N SER F 118 19.52 -6.99 -13.80
CA SER F 118 20.29 -7.87 -14.67
C SER F 118 20.06 -9.32 -14.29
N SER F 119 20.14 -10.21 -15.27
CA SER F 119 20.02 -11.63 -15.02
C SER F 119 21.20 -12.11 -14.19
N GLU F 120 22.33 -11.41 -14.29
CA GLU F 120 23.53 -11.79 -13.56
C GLU F 120 23.40 -11.49 -12.07
N GLU F 121 22.74 -10.39 -11.74
CA GLU F 121 22.48 -10.05 -10.35
C GLU F 121 21.43 -11.00 -9.79
N LEU F 122 20.53 -11.47 -10.65
CA LEU F 122 19.49 -12.40 -10.24
C LEU F 122 20.07 -13.75 -9.86
N GLN F 123 20.97 -14.27 -10.69
CA GLN F 123 21.63 -15.53 -10.37
C GLN F 123 22.51 -15.39 -9.13
N ALA F 124 22.79 -14.14 -8.76
CA ALA F 124 23.51 -13.85 -7.52
C ALA F 124 22.53 -13.59 -6.39
N ASN F 125 21.26 -13.88 -6.64
CA ASN F 125 20.21 -13.76 -5.63
C ASN F 125 20.01 -12.32 -5.14
N LYS F 126 20.04 -11.38 -6.08
CA LYS F 126 19.76 -9.98 -5.77
C LYS F 126 19.03 -9.33 -6.94
N ALA F 127 18.34 -8.23 -6.66
CA ALA F 127 17.56 -7.54 -7.69
C ALA F 127 17.53 -6.03 -7.43
N THR F 128 18.07 -5.26 -8.37
CA THR F 128 18.09 -3.81 -8.25
C THR F 128 17.54 -3.15 -9.50
N LEU F 129 16.64 -2.20 -9.31
CA LEU F 129 16.16 -1.37 -10.41
C LEU F 129 16.89 -0.04 -10.39
N VAL F 130 17.28 0.43 -11.56
CA VAL F 130 18.05 1.67 -11.66
C VAL F 130 17.33 2.69 -12.53
N CYS F 131 16.88 3.78 -11.90
CA CYS F 131 16.23 4.86 -12.62
C CYS F 131 17.17 6.07 -12.72
N LEU F 132 17.79 6.22 -13.88
CA LEU F 132 18.74 7.29 -14.11
C LEU F 132 18.05 8.53 -14.68
N ILE F 133 18.10 9.62 -13.93
CA ILE F 133 17.43 10.86 -14.30
C ILE F 133 18.46 11.91 -14.69
N SER F 134 18.38 12.40 -15.92
CA SER F 134 19.42 13.29 -16.45
C SER F 134 18.88 14.50 -17.21
N ASP F 135 19.73 15.52 -17.33
CA ASP F 135 19.44 16.69 -18.16
C ASP F 135 18.16 17.41 -17.76
N PHE F 136 18.15 18.03 -16.59
CA PHE F 136 17.00 18.82 -16.16
C PHE F 136 17.44 20.06 -15.38
N TYR F 137 16.67 21.13 -15.50
CA TYR F 137 16.93 22.36 -14.77
C TYR F 137 15.61 23.04 -14.41
N PRO F 138 15.52 23.62 -13.20
CA PRO F 138 16.56 23.63 -12.17
C PRO F 138 16.78 22.25 -11.55
N GLY F 139 17.72 22.18 -10.61
CA GLY F 139 18.14 20.91 -10.03
C GLY F 139 17.32 20.48 -8.83
N ALA F 140 16.07 20.12 -9.07
CA ALA F 140 15.20 19.61 -8.02
C ALA F 140 14.15 18.68 -8.61
N VAL F 141 14.17 17.43 -8.16
CA VAL F 141 13.17 16.46 -8.60
C VAL F 141 12.73 15.56 -7.46
N THR F 142 11.51 15.06 -7.57
CA THR F 142 11.00 14.04 -6.65
C THR F 142 10.89 12.74 -7.42
N VAL F 143 11.28 11.65 -6.80
CA VAL F 143 11.21 10.34 -7.43
C VAL F 143 10.28 9.43 -6.64
N ALA F 144 9.23 8.95 -7.31
CA ALA F 144 8.27 8.06 -6.68
C ALA F 144 8.27 6.72 -7.38
N TRP F 145 8.48 5.65 -6.62
CA TRP F 145 8.46 4.30 -7.17
C TRP F 145 7.12 3.64 -6.94
N LYS F 146 6.66 2.86 -7.91
CA LYS F 146 5.40 2.15 -7.79
C LYS F 146 5.59 0.68 -8.18
N ALA F 147 5.01 -0.21 -7.38
CA ALA F 147 4.98 -1.64 -7.71
C ALA F 147 3.57 -1.98 -8.22
N ASP F 148 3.50 -2.71 -9.32
CA ASP F 148 2.23 -2.91 -10.01
C ASP F 148 1.58 -1.56 -10.20
N SER F 149 0.59 -1.25 -9.36
CA SER F 149 -0.03 0.06 -9.37
C SER F 149 0.20 0.78 -8.05
N SER F 150 0.26 0.01 -6.96
CA SER F 150 0.45 0.59 -5.63
C SER F 150 1.84 1.20 -5.46
N PRO F 151 1.98 2.14 -4.51
CA PRO F 151 3.24 2.84 -4.23
C PRO F 151 4.22 2.03 -3.39
N VAL F 152 5.50 2.38 -3.48
CA VAL F 152 6.54 1.76 -2.65
C VAL F 152 7.51 2.82 -2.15
N LYS F 153 7.67 2.90 -0.83
CA LYS F 153 8.62 3.84 -0.24
C LYS F 153 9.73 3.10 0.50
N ALA F 154 9.58 1.78 0.64
CA ALA F 154 10.57 0.96 1.34
C ALA F 154 11.49 0.26 0.36
N GLY F 155 12.78 0.47 0.52
CA GLY F 155 13.78 -0.11 -0.37
C GLY F 155 14.19 0.88 -1.44
N VAL F 156 14.00 2.17 -1.16
CA VAL F 156 14.32 3.22 -2.12
C VAL F 156 15.42 4.13 -1.59
N GLU F 157 16.38 4.43 -2.46
CA GLU F 157 17.41 5.42 -2.17
C GLU F 157 17.58 6.29 -3.40
N THR F 158 17.76 7.59 -3.19
CA THR F 158 17.92 8.51 -4.30
C THR F 158 19.01 9.55 -4.03
N THR F 159 19.75 9.91 -5.08
CA THR F 159 20.83 10.87 -4.97
C THR F 159 20.30 12.30 -4.89
N THR F 160 21.17 13.20 -4.46
CA THR F 160 20.86 14.63 -4.51
C THR F 160 21.31 15.13 -5.88
N PRO F 161 20.52 16.03 -6.48
CA PRO F 161 20.84 16.53 -7.83
C PRO F 161 22.29 16.97 -7.98
N SER F 162 22.99 16.37 -8.94
CA SER F 162 24.40 16.68 -9.19
C SER F 162 24.53 17.54 -10.43
N LYS F 163 25.26 18.65 -10.30
CA LYS F 163 25.45 19.58 -11.41
C LYS F 163 26.36 18.96 -12.47
N GLN F 164 25.86 18.90 -13.70
CA GLN F 164 26.61 18.29 -14.81
C GLN F 164 27.27 19.38 -15.67
N SER F 165 27.93 18.95 -16.74
CA SER F 165 28.70 19.87 -17.58
C SER F 165 27.83 20.82 -18.40
N ASN F 166 26.59 20.41 -18.67
CA ASN F 166 25.65 21.26 -19.40
C ASN F 166 25.12 22.41 -18.57
N ASN F 167 25.60 22.52 -17.33
CA ASN F 167 25.03 23.44 -16.34
C ASN F 167 23.63 23.00 -15.89
N LYS F 168 23.18 21.85 -16.39
CA LYS F 168 21.93 21.26 -15.96
C LYS F 168 22.22 20.39 -14.74
N TYR F 169 21.35 19.42 -14.46
CA TYR F 169 21.55 18.54 -13.31
C TYR F 169 21.24 17.09 -13.65
N ALA F 170 21.67 16.19 -12.76
CA ALA F 170 21.43 14.76 -12.94
C ALA F 170 21.22 14.10 -11.58
N ALA F 171 20.46 13.00 -11.58
CA ALA F 171 20.20 12.25 -10.36
C ALA F 171 19.93 10.80 -10.71
N SER F 172 19.84 9.95 -9.69
CA SER F 172 19.51 8.55 -9.89
C SER F 172 18.83 7.99 -8.65
N SER F 173 17.92 7.04 -8.85
CA SER F 173 17.20 6.42 -7.75
C SER F 173 17.26 4.90 -7.87
N TYR F 174 17.53 4.22 -6.75
CA TYR F 174 17.69 2.77 -6.75
C TYR F 174 16.65 2.07 -5.87
N LEU F 175 15.83 1.23 -6.49
CA LEU F 175 14.89 0.39 -5.76
C LEU F 175 15.55 -0.96 -5.48
N SER F 176 15.78 -1.24 -4.21
CA SER F 176 16.51 -2.44 -3.81
C SER F 176 15.54 -3.54 -3.36
N LEU F 177 15.45 -4.62 -4.14
CA LEU F 177 14.50 -5.69 -3.87
C LEU F 177 15.19 -7.05 -3.73
N THR F 178 14.46 -8.00 -3.18
CA THR F 178 14.89 -9.40 -3.21
C THR F 178 14.17 -10.06 -4.37
N PRO F 179 14.81 -11.06 -5.00
CA PRO F 179 14.18 -11.78 -6.10
C PRO F 179 12.75 -12.20 -5.75
N GLU F 180 12.51 -12.43 -4.46
CA GLU F 180 11.18 -12.80 -3.98
C GLU F 180 10.17 -11.72 -4.33
N GLN F 181 10.51 -10.48 -4.00
CA GLN F 181 9.61 -9.36 -4.19
C GLN F 181 9.51 -8.97 -5.66
N TRP F 182 10.58 -9.20 -6.40
CA TRP F 182 10.71 -8.72 -7.77
C TRP F 182 9.95 -9.58 -8.78
N LYS F 183 10.05 -10.90 -8.64
CA LYS F 183 9.37 -11.81 -9.57
C LYS F 183 7.90 -11.97 -9.25
N SER F 184 7.45 -11.37 -8.15
CA SER F 184 6.05 -11.45 -7.74
C SER F 184 5.30 -10.14 -8.00
N HIS F 185 5.71 -9.44 -9.06
CA HIS F 185 5.03 -8.23 -9.51
C HIS F 185 5.06 -8.18 -11.02
N ARG F 186 4.07 -7.55 -11.63
CA ARG F 186 4.01 -7.45 -13.08
C ARG F 186 4.95 -6.38 -13.60
N SER F 187 4.87 -5.18 -13.02
CA SER F 187 5.64 -4.05 -13.51
C SER F 187 6.13 -3.16 -12.37
N TYR F 188 7.19 -2.40 -12.65
CA TYR F 188 7.70 -1.40 -11.73
C TYR F 188 7.82 -0.07 -12.45
N SER F 189 7.33 0.99 -11.81
CA SER F 189 7.31 2.30 -12.42
C SER F 189 8.15 3.29 -11.64
N CYS F 190 9.03 4.00 -12.34
CA CYS F 190 9.80 5.07 -11.75
C CYS F 190 9.29 6.38 -12.33
N GLN F 191 8.54 7.13 -11.54
CA GLN F 191 7.96 8.38 -12.00
C GLN F 191 8.59 9.59 -11.34
N VAL F 192 9.39 10.31 -12.13
CA VAL F 192 10.07 11.52 -11.65
C VAL F 192 9.20 12.73 -11.89
N THR F 193 9.02 13.54 -10.85
CA THR F 193 8.27 14.78 -10.98
C THR F 193 9.23 15.96 -10.95
N HIS F 194 9.24 16.74 -12.02
CA HIS F 194 10.10 17.92 -12.12
C HIS F 194 9.27 19.18 -12.30
N GLU F 195 9.35 20.09 -11.35
CA GLU F 195 8.56 21.30 -11.37
C GLU F 195 7.07 20.95 -11.39
N GLY F 196 6.49 20.87 -12.59
CA GLY F 196 5.07 20.60 -12.72
C GLY F 196 4.78 19.20 -13.22
N SER F 197 5.14 18.94 -14.47
CA SER F 197 4.87 17.64 -15.09
C SER F 197 5.64 16.54 -14.39
N THR F 198 5.28 15.30 -14.70
CA THR F 198 5.94 14.14 -14.12
C THR F 198 6.15 13.04 -15.17
N VAL F 199 7.40 12.69 -15.39
CA VAL F 199 7.75 11.67 -16.37
C VAL F 199 7.79 10.30 -15.70
N GLU F 200 7.33 9.27 -16.40
CA GLU F 200 7.30 7.92 -15.83
C GLU F 200 7.80 6.87 -16.82
N LYS F 201 8.63 5.96 -16.32
CA LYS F 201 9.09 4.82 -17.10
C LYS F 201 8.70 3.53 -16.39
N THR F 202 8.33 2.51 -17.16
CA THR F 202 7.85 1.26 -16.59
C THR F 202 8.58 0.05 -17.18
N VAL F 203 8.91 -0.91 -16.32
CA VAL F 203 9.60 -2.13 -16.76
C VAL F 203 8.90 -3.36 -16.20
N ALA F 204 9.21 -4.52 -16.78
CA ALA F 204 8.62 -5.77 -16.35
C ALA F 204 9.52 -6.95 -16.72
N PRO F 205 9.66 -7.93 -15.80
CA PRO F 205 10.49 -9.11 -16.07
C PRO F 205 9.99 -9.93 -17.26
N THR F 206 10.86 -10.12 -18.26
CA THR F 206 10.51 -10.91 -19.44
C THR F 206 11.50 -12.06 -19.63
#